data_7YU3
#
_entry.id   7YU3
#
_cell.length_a   1.00
_cell.length_b   1.00
_cell.length_c   1.00
_cell.angle_alpha   90.00
_cell.angle_beta   90.00
_cell.angle_gamma   90.00
#
_symmetry.space_group_name_H-M   'P 1'
#
loop_
_entity.id
_entity.type
_entity.pdbx_description
1 polymer 'Guanine nucleotide-binding protein G(I)/G(S)/G(T) subunit beta-1'
2 polymer 'Guanine nucleotide-binding protein G(i) subunit alpha-1'
3 polymer 'Guanine nucleotide-binding protein G(I)/G(S)/G(O) subunit gamma-2'
4 polymer 'Lysophosphatidic acid receptor 1'
5 polymer scFv16
6 non-polymer '[(2~{R})-2-[5-(2-hexylphenyl)pentanoylamino]-3-oxidanyl-propyl] dihydrogen phosphate'
#
loop_
_entity_poly.entity_id
_entity_poly.type
_entity_poly.pdbx_seq_one_letter_code
_entity_poly.pdbx_strand_id
1 'polypeptide(L)'
;MHHHHHHGSLLQSELDQLRQEAEQLKNQIRDARKACADATLSQITNNIDPVGRIQMRTRRTLRGHLAKIYAMHWGTDSRL
LVSASQDGKLIIWDSYTTNKVHAIPLRSSWVMTCAYAPSGNYVACGGLDNICSIYNLKTREGNVRVSRELAGHTGYLSCC
RFLDDNQIVTSSGDTTCALWDIETGQQTTTFTGHTGDVMSLSLAPDTRLFVSGACDASAKLWDVREGMCRQTFTGHESDI
NAICFFPNGNAFATGSDDATCRLFDLRADQELMTYSHDNIICGITSVSFSKSGRLLLAGYDDFNCNVWDALKADRAGVLA
GHDNRVSCLGVTDDGMAVATGSWDSFLKIWN
;
B
2 'polypeptide(L)'
;MGCTLSAEDKAAVERSKMIDRNLREDGEKAAREVKLLLLGAGESGKSTIVKQMKIIHEAGYSEEECKQYKAVVYSNTIQS
IIAIIRAMGRLKIDFGDSARADDARQLFVLAGAAEEGFMTAELAGVIKRLWKDSGVQACFNRSREYQLNDSAAYYLNDLD
RIAQPNYIPTQQDVLRTRVKTTGIVETHFTFKDLHFKMFDVGGQRSERKKWIHCFEGVTAIIFCVALSDYDLVLAEDEEM
NRMHESMKLFDSICNNKWFTDTSIILFLNKKDLFEEKIKKSPLTICYPEYAGSNTYEEAAAYIQCQFEDLNKRKDTKEIY
THFTCATDTKNVQFVFDAVTDVIIKNNLKDCGLF
;
A
3 'polypeptide(L)' MASNNTASIAQARKLVEQLKMEANIDRIKVSKAAADLMAYCEAHAKEDPLLTPVPASENPFREKKFFS G
4 'polypeptide(L)'
;DYKDDDDAMGAAISTSIPVISQPQFTAMNEPQCFYNESIAFFYNRSGKHLATEWNTVSKLVMGLGITVCIFIMLANLLVM
VAIYVNRRFHFPIYYLMANLAAADFFAGLAYFYLMFNTGPNTRRLTVSTWLLRQGLIDTSLTASVANLLAIAIERHITVF
RMQLHTRMSNRRVVVVIVVIWTMAIVMGAIPSVGWNCICDIENCSNMAPLYSDSYLVFWAIFNLVTFVVMVVLYAHIFGY
VRQRTMRMSRHSSGPRRNRDTMMSLLKTVVIVLGAFIICWTPGLVLLLLDVCCPQCDVLAYEKFFLLLAEFNSAMNPIIY
SYRDKEMSATFRQILCCQRSENPTGPTEGSDRSASSLNHTILAGVHSNDHSVVENLYFQ
;
R
5 'polypeptide(L)'
;DVQLVESGGGLVQPGGSRKLSCSASGFAFSSFGMHWVRQAPEKGLEWVAYISSGSGTIYYADTVKGRFTISRDDPKNTLF
LQMTSLRSEDTAMYYCVRSIYYYGSSPFDFWGQGTTLTVSSGGGGSGGGGSGGGGSDIVMTQATSSVPVTPGESVSISCR
SSKSLLHSNGNTYLYWFLQRPGQSPQLLIYRMSNLASGVPDRFSGSGSGTAFTLTISRLEAEDVGVYYCMQHLEYPLTFG
AGTKLELKAAAASSEDLYFQ
;
S
#
loop_
_chem_comp.id
_chem_comp.type
_chem_comp.name
_chem_comp.formula
K6L non-polymer '[(2~{R})-2-[5-(2-hexylphenyl)pentanoylamino]-3-oxidanyl-propyl] dihydrogen phosphate' 'C20 H34 N O6 P'
#
# COMPACT_ATOMS: atom_id res chain seq x y z
N GLU A 14 -0.19 55.80 13.23
CA GLU A 14 0.00 55.55 11.78
C GLU A 14 0.59 54.15 11.56
N LEU A 15 0.50 53.65 10.32
CA LEU A 15 1.11 52.36 9.92
C LEU A 15 2.63 52.47 10.01
N ASP A 16 3.21 53.54 9.45
CA ASP A 16 4.69 53.68 9.40
C ASP A 16 5.26 53.87 10.81
N GLN A 17 4.53 54.57 11.69
CA GLN A 17 4.97 54.74 13.10
C GLN A 17 5.14 53.36 13.74
N LEU A 18 4.12 52.52 13.67
CA LEU A 18 4.18 51.16 14.27
C LEU A 18 5.21 50.32 13.52
N ARG A 19 5.27 50.44 12.20
CA ARG A 19 6.19 49.59 11.39
C ARG A 19 7.64 49.97 11.73
N GLN A 20 7.97 51.26 11.68
CA GLN A 20 9.34 51.70 12.08
C GLN A 20 9.58 51.36 13.54
N GLU A 21 8.52 51.34 14.35
CA GLU A 21 8.61 50.83 15.74
C GLU A 21 8.84 49.32 15.70
N ALA A 22 8.02 48.58 14.95
CA ALA A 22 8.04 47.11 14.97
C ALA A 22 9.41 46.59 14.53
N GLU A 23 9.97 47.18 13.47
CA GLU A 23 11.30 46.73 12.96
C GLU A 23 12.37 47.01 14.00
N GLN A 24 12.14 47.96 14.92
CA GLN A 24 13.07 48.17 16.05
C GLN A 24 12.97 46.99 17.04
N LEU A 25 11.76 46.54 17.35
CA LEU A 25 11.56 45.44 18.33
C LEU A 25 12.28 44.18 17.86
N LYS A 26 12.34 43.95 16.54
CA LYS A 26 13.12 42.81 16.01
C LYS A 26 14.61 43.01 16.30
N ASN A 27 15.05 44.25 16.44
CA ASN A 27 16.49 44.53 16.67
C ASN A 27 16.90 44.09 18.08
N GLN A 28 16.16 44.50 19.11
CA GLN A 28 16.54 44.13 20.50
C GLN A 28 16.54 42.60 20.63
N ILE A 29 15.58 41.94 19.99
CA ILE A 29 15.54 40.45 20.00
C ILE A 29 16.82 39.94 19.33
N ARG A 30 17.18 40.49 18.17
CA ARG A 30 18.38 40.05 17.43
C ARG A 30 19.63 40.53 18.17
N ASP A 31 19.60 41.71 18.76
CA ASP A 31 20.77 42.25 19.51
C ASP A 31 21.07 41.35 20.70
N ALA A 32 20.05 40.95 21.45
CA ALA A 32 20.23 40.16 22.70
C ALA A 32 20.69 38.73 22.34
N ARG A 33 20.22 38.21 21.20
CA ARG A 33 20.58 36.83 20.81
C ARG A 33 22.08 36.74 20.50
N LYS A 34 22.65 37.75 19.86
CA LYS A 34 24.11 37.78 19.62
C LYS A 34 24.85 37.82 20.96
N ALA A 35 24.38 38.63 21.90
CA ALA A 35 25.07 38.81 23.21
C ALA A 35 25.09 37.48 23.95
N CYS A 36 24.10 36.62 23.71
CA CYS A 36 24.02 35.30 24.37
C CYS A 36 24.68 34.21 23.51
N ALA A 37 25.27 34.56 22.37
CA ALA A 37 25.98 33.59 21.50
C ALA A 37 27.45 33.54 21.93
N ASP A 38 27.71 32.99 23.11
CA ASP A 38 29.07 32.89 23.69
C ASP A 38 29.97 31.96 22.86
N ALA A 39 29.52 30.76 22.55
CA ALA A 39 30.36 29.75 21.85
C ALA A 39 29.45 28.71 21.20
N THR A 40 29.83 28.30 20.00
CA THR A 40 29.02 27.39 19.16
C THR A 40 29.08 25.99 19.74
N LEU A 41 27.95 25.29 19.68
CA LEU A 41 27.86 23.90 20.16
C LEU A 41 28.92 23.04 19.47
N SER A 42 29.19 23.32 18.20
CA SER A 42 30.22 22.58 17.43
C SER A 42 31.59 22.74 18.09
N GLN A 43 31.86 23.90 18.67
CA GLN A 43 33.14 24.12 19.41
C GLN A 43 33.10 23.38 20.74
N ILE A 44 31.97 23.38 21.44
CA ILE A 44 31.86 22.75 22.79
C ILE A 44 31.94 21.23 22.63
N THR A 45 31.31 20.67 21.61
CA THR A 45 31.26 19.20 21.41
C THR A 45 32.41 18.75 20.51
N ASN A 46 33.50 19.50 20.45
CA ASN A 46 34.64 19.16 19.55
C ASN A 46 35.33 17.87 20.03
N ASN A 47 35.39 17.66 21.34
CA ASN A 47 36.17 16.55 21.93
C ASN A 47 35.26 15.38 22.33
N ILE A 48 33.95 15.45 22.08
CA ILE A 48 33.08 14.28 22.33
C ILE A 48 33.46 13.16 21.36
N ASP A 49 33.59 11.95 21.88
CA ASP A 49 33.88 10.77 21.04
C ASP A 49 32.71 10.52 20.10
N PRO A 50 32.96 10.29 18.81
CA PRO A 50 31.88 10.09 17.84
C PRO A 50 30.96 8.92 18.16
N VAL A 51 29.85 8.86 17.44
CA VAL A 51 28.83 7.80 17.68
C VAL A 51 29.23 6.54 16.94
N GLY A 52 30.08 6.64 15.93
CA GLY A 52 30.50 5.48 15.13
C GLY A 52 29.47 5.16 14.06
N ARG A 53 29.82 4.29 13.13
CA ARG A 53 28.90 3.95 12.04
C ARG A 53 27.65 3.33 12.65
N ILE A 54 26.48 3.87 12.31
CA ILE A 54 25.20 3.36 12.83
C ILE A 54 24.57 2.50 11.74
N GLN A 55 24.76 1.20 11.87
CA GLN A 55 24.22 0.23 10.90
C GLN A 55 22.89 -0.25 11.46
N MET A 56 21.82 0.15 10.79
CA MET A 56 20.47 -0.19 11.24
C MET A 56 19.75 -0.88 10.10
N ARG A 57 19.24 -2.07 10.34
CA ARG A 57 18.69 -2.93 9.28
C ARG A 57 17.19 -3.02 9.38
N THR A 58 16.55 -3.17 8.26
CA THR A 58 15.09 -3.36 8.21
C THR A 58 14.74 -4.68 8.89
N ARG A 59 14.13 -4.61 10.06
CA ARG A 59 13.72 -5.81 10.81
C ARG A 59 12.36 -6.28 10.29
N ARG A 60 11.38 -5.39 10.32
CA ARG A 60 10.00 -5.77 9.89
C ARG A 60 9.59 -4.85 8.75
N THR A 61 8.73 -5.36 7.90
CA THR A 61 8.19 -4.60 6.78
C THR A 61 6.69 -4.86 6.76
N LEU A 62 5.93 -3.79 6.90
CA LEU A 62 4.47 -3.88 7.02
C LEU A 62 3.91 -3.60 5.63
N ARG A 63 3.15 -4.55 5.10
CA ARG A 63 2.50 -4.41 3.78
C ARG A 63 1.00 -4.45 3.97
N GLY A 64 0.29 -3.72 3.13
CA GLY A 64 -1.19 -3.72 3.18
C GLY A 64 -1.77 -2.38 2.78
N HIS A 65 -0.94 -1.35 2.60
CA HIS A 65 -1.44 -0.07 2.06
C HIS A 65 -1.38 -0.08 0.54
N LEU A 66 -2.43 0.42 -0.08
CA LEU A 66 -2.58 0.46 -1.55
C LEU A 66 -2.49 1.88 -2.10
N ALA A 67 -1.69 2.73 -1.50
CA ALA A 67 -1.47 4.12 -1.91
C ALA A 67 -0.33 4.68 -1.10
N LYS A 68 -0.03 5.94 -1.27
CA LYS A 68 1.16 6.53 -0.61
C LYS A 68 0.79 6.82 0.83
N ILE A 69 1.72 6.57 1.73
CA ILE A 69 1.49 6.84 3.18
C ILE A 69 1.95 8.25 3.51
N TYR A 70 1.13 8.98 4.26
CA TYR A 70 1.56 10.31 4.74
C TYR A 70 1.88 10.37 6.20
N ALA A 71 1.31 9.49 7.02
CA ALA A 71 1.39 9.68 8.48
C ALA A 71 1.47 8.37 9.20
N MET A 72 2.21 8.36 10.29
CA MET A 72 2.28 7.19 11.19
C MET A 72 2.59 7.71 12.59
N HIS A 73 2.17 6.95 13.58
CA HIS A 73 2.43 7.34 14.96
C HIS A 73 2.55 6.07 15.79
N TRP A 74 3.62 6.01 16.58
CA TRP A 74 3.86 4.90 17.52
C TRP A 74 2.85 4.96 18.67
N GLY A 75 2.77 3.86 19.40
CA GLY A 75 2.01 3.79 20.66
C GLY A 75 2.90 4.09 21.83
N THR A 76 2.33 4.43 22.97
CA THR A 76 3.15 4.65 24.19
C THR A 76 3.70 3.32 24.71
N ASP A 77 3.10 2.20 24.33
CA ASP A 77 3.62 0.86 24.68
C ASP A 77 4.71 0.43 23.71
N SER A 78 5.03 1.25 22.71
CA SER A 78 6.16 1.01 21.77
C SER A 78 5.93 -0.26 20.96
N ARG A 79 4.71 -0.74 20.84
CA ARG A 79 4.49 -2.00 20.07
C ARG A 79 3.50 -1.74 18.95
N LEU A 80 2.39 -1.10 19.23
CA LEU A 80 1.37 -0.80 18.21
C LEU A 80 1.72 0.51 17.49
N LEU A 81 1.25 0.64 16.26
CA LEU A 81 1.37 1.90 15.49
C LEU A 81 0.27 2.04 14.47
N VAL A 82 0.08 3.28 14.02
CA VAL A 82 -1.02 3.68 13.11
C VAL A 82 -0.43 4.18 11.82
N SER A 83 -1.16 4.06 10.74
CA SER A 83 -0.72 4.63 9.46
C SER A 83 -1.97 5.00 8.68
N ALA A 84 -1.87 6.10 7.92
CA ALA A 84 -2.94 6.51 7.00
C ALA A 84 -2.37 6.71 5.61
N SER A 85 -3.22 6.48 4.62
CA SER A 85 -2.83 6.69 3.22
C SER A 85 -4.01 7.23 2.41
N GLN A 86 -3.76 7.60 1.18
CA GLN A 86 -4.79 8.09 0.27
C GLN A 86 -5.75 6.99 -0.14
N ASP A 87 -5.50 5.73 0.19
CA ASP A 87 -6.46 4.64 -0.13
C ASP A 87 -7.69 4.77 0.76
N GLY A 88 -7.67 5.69 1.74
CA GLY A 88 -8.81 5.96 2.63
C GLY A 88 -8.90 4.89 3.69
N LYS A 89 -7.75 4.38 4.12
CA LYS A 89 -7.71 3.35 5.19
C LYS A 89 -6.78 3.84 6.27
N LEU A 90 -7.22 3.65 7.51
CA LEU A 90 -6.40 3.88 8.69
C LEU A 90 -6.15 2.51 9.34
N ILE A 91 -4.89 2.12 9.40
CA ILE A 91 -4.52 0.74 9.86
C ILE A 91 -3.70 0.88 11.13
N ILE A 92 -4.11 0.12 12.16
CA ILE A 92 -3.35 -0.03 13.41
C ILE A 92 -2.57 -1.32 13.29
N TRP A 93 -1.26 -1.21 13.36
CA TRP A 93 -0.34 -2.34 13.16
C TRP A 93 0.08 -2.90 14.51
N ASP A 94 0.49 -4.15 14.50
CA ASP A 94 1.27 -4.75 15.60
C ASP A 94 2.69 -4.95 15.08
N SER A 95 3.64 -4.19 15.56
CA SER A 95 4.98 -4.14 14.96
C SER A 95 5.71 -5.46 15.21
N TYR A 96 5.43 -6.13 16.32
CA TYR A 96 6.14 -7.38 16.66
C TYR A 96 5.77 -8.47 15.65
N THR A 97 4.48 -8.69 15.46
CA THR A 97 3.97 -9.81 14.65
C THR A 97 3.47 -9.37 13.28
N THR A 98 3.65 -8.10 12.91
CA THR A 98 3.39 -7.59 11.54
C THR A 98 1.93 -7.84 11.17
N ASN A 99 1.06 -8.16 12.13
CA ASN A 99 -0.34 -8.51 11.78
C ASN A 99 -1.22 -7.32 12.05
N LYS A 100 -2.25 -7.15 11.22
CA LYS A 100 -3.15 -5.95 11.33
C LYS A 100 -4.12 -6.09 12.49
N VAL A 101 -4.19 -5.08 13.35
CA VAL A 101 -5.15 -5.12 14.47
C VAL A 101 -6.46 -4.50 14.05
N HIS A 102 -6.42 -3.37 13.36
CA HIS A 102 -7.66 -2.69 12.92
C HIS A 102 -7.44 -2.08 11.55
N ALA A 103 -8.48 -2.09 10.72
CA ALA A 103 -8.41 -1.33 9.44
C ALA A 103 -9.64 -0.43 9.39
N ILE A 104 -9.40 0.86 9.62
CA ILE A 104 -10.47 1.86 9.80
C ILE A 104 -10.70 2.50 8.43
N PRO A 105 -11.92 2.38 7.89
CA PRO A 105 -12.29 3.14 6.72
C PRO A 105 -12.56 4.59 7.10
N LEU A 106 -12.05 5.51 6.27
CA LEU A 106 -12.25 6.94 6.50
C LEU A 106 -13.37 7.44 5.58
N ARG A 107 -14.08 8.45 6.05
CA ARG A 107 -15.09 9.14 5.22
C ARG A 107 -14.37 9.93 4.12
N SER A 108 -13.14 10.38 4.37
CA SER A 108 -12.40 11.22 3.40
C SER A 108 -11.09 10.52 3.09
N SER A 109 -10.88 10.21 1.81
CA SER A 109 -9.64 9.56 1.34
C SER A 109 -8.41 10.44 1.48
N TRP A 110 -8.57 11.73 1.73
CA TRP A 110 -7.47 12.73 1.68
C TRP A 110 -7.00 12.99 3.10
N VAL A 111 -6.13 12.12 3.59
CA VAL A 111 -5.72 12.14 5.01
C VAL A 111 -4.24 12.47 5.03
N MET A 112 -3.83 13.38 5.88
CA MET A 112 -2.46 13.90 5.88
C MET A 112 -1.81 13.76 7.26
N THR A 113 -2.52 13.21 8.27
CA THR A 113 -1.97 13.18 9.64
C THR A 113 -2.62 12.06 10.42
N CYS A 114 -1.92 11.68 11.48
CA CYS A 114 -2.34 10.62 12.42
C CYS A 114 -1.85 11.01 13.80
N ALA A 115 -2.56 10.44 14.75
CA ALA A 115 -2.16 10.51 16.15
C ALA A 115 -2.74 9.28 16.82
N TYR A 116 -1.95 8.68 17.68
CA TYR A 116 -2.38 7.58 18.54
C TYR A 116 -2.37 8.07 19.97
N ALA A 117 -3.52 8.04 20.62
CA ALA A 117 -3.68 8.64 21.95
C ALA A 117 -2.67 7.98 22.90
N PRO A 118 -2.18 8.72 23.89
CA PRO A 118 -1.27 8.14 24.88
C PRO A 118 -1.86 6.95 25.64
N SER A 119 -3.17 6.98 25.88
CA SER A 119 -3.85 5.84 26.53
C SER A 119 -4.11 4.71 25.57
N GLY A 120 -4.03 4.98 24.25
CA GLY A 120 -4.31 3.99 23.20
C GLY A 120 -5.79 3.67 23.04
N ASN A 121 -6.68 4.38 23.73
CA ASN A 121 -8.12 4.21 23.55
C ASN A 121 -8.56 4.91 22.27
N TYR A 122 -7.85 5.96 21.82
CA TYR A 122 -8.35 6.74 20.67
C TYR A 122 -7.27 6.84 19.61
N VAL A 123 -7.74 7.06 18.39
CA VAL A 123 -6.86 7.41 17.25
C VAL A 123 -7.55 8.55 16.51
N ALA A 124 -6.76 9.48 15.97
CA ALA A 124 -7.30 10.64 15.24
C ALA A 124 -6.61 10.82 13.91
N CYS A 125 -7.35 11.22 12.91
CA CYS A 125 -6.80 11.50 11.56
C CYS A 125 -7.50 12.73 10.96
N GLY A 126 -6.80 13.42 10.09
CA GLY A 126 -7.38 14.54 9.34
C GLY A 126 -6.62 14.88 8.08
N GLY A 127 -7.24 15.69 7.22
CA GLY A 127 -6.60 16.12 5.98
C GLY A 127 -7.33 17.22 5.26
N LEU A 128 -7.48 17.11 3.94
CA LEU A 128 -8.05 18.20 3.11
C LEU A 128 -9.50 18.44 3.45
N ASP A 129 -10.14 17.58 4.24
CA ASP A 129 -11.57 17.75 4.52
C ASP A 129 -11.76 18.76 5.65
N ASN A 130 -10.67 19.29 6.21
CA ASN A 130 -10.71 20.38 7.22
C ASN A 130 -11.30 19.87 8.53
N ILE A 131 -11.39 18.56 8.70
CA ILE A 131 -12.00 17.96 9.91
C ILE A 131 -10.99 17.04 10.56
N CYS A 132 -10.89 17.09 11.87
CA CYS A 132 -10.13 16.10 12.69
C CYS A 132 -11.06 15.04 13.21
N SER A 133 -11.11 13.87 12.56
CA SER A 133 -11.98 12.78 13.00
C SER A 133 -11.28 11.96 14.13
N ILE A 134 -12.01 11.64 15.19
CA ILE A 134 -11.51 10.86 16.34
C ILE A 134 -12.24 9.52 16.40
N TYR A 135 -11.48 8.44 16.35
CA TYR A 135 -12.05 7.07 16.32
C TYR A 135 -11.82 6.39 17.66
N ASN A 136 -12.87 5.76 18.17
CA ASN A 136 -12.83 5.09 19.47
C ASN A 136 -12.42 3.65 19.24
N LEU A 137 -11.38 3.20 19.93
CA LEU A 137 -10.80 1.85 19.71
C LEU A 137 -11.45 0.83 20.64
N LYS A 138 -11.58 1.15 21.92
CA LYS A 138 -12.17 0.21 22.87
C LYS A 138 -13.67 0.35 22.88
N THR A 139 -14.36 -0.39 22.05
CA THR A 139 -15.83 -0.18 21.93
C THR A 139 -16.58 -1.48 22.18
N ARG A 140 -17.46 -1.46 23.15
CA ARG A 140 -18.30 -2.64 23.45
C ARG A 140 -18.66 -3.46 22.21
N GLU A 141 -18.97 -2.86 21.09
CA GLU A 141 -19.49 -3.63 19.95
C GLU A 141 -18.37 -4.05 19.00
N GLY A 142 -17.11 -3.86 19.42
CA GLY A 142 -15.92 -4.32 18.70
C GLY A 142 -15.97 -3.92 17.24
N ASN A 143 -16.04 -2.63 16.96
CA ASN A 143 -15.87 -2.13 15.58
C ASN A 143 -15.47 -0.69 15.72
N VAL A 144 -14.22 -0.35 15.47
CA VAL A 144 -13.84 1.06 15.66
C VAL A 144 -14.92 1.96 15.08
N ARG A 145 -15.50 2.78 15.94
CA ARG A 145 -16.52 3.77 15.59
C ARG A 145 -15.89 5.15 15.71
N VAL A 146 -16.34 6.07 14.88
CA VAL A 146 -15.90 7.50 14.94
C VAL A 146 -16.64 8.18 16.09
N SER A 147 -15.89 8.82 16.96
CA SER A 147 -16.43 9.47 18.18
C SER A 147 -16.86 10.91 17.86
N ARG A 148 -15.91 11.73 17.44
CA ARG A 148 -16.17 13.17 17.26
C ARG A 148 -15.53 13.66 15.96
N GLU A 149 -16.07 14.73 15.42
CA GLU A 149 -15.52 15.37 14.19
C GLU A 149 -15.27 16.83 14.50
N LEU A 150 -14.00 17.16 14.74
CA LEU A 150 -13.63 18.54 15.12
C LEU A 150 -13.57 19.41 13.87
N ALA A 151 -14.67 20.10 13.57
CA ALA A 151 -14.79 20.95 12.37
C ALA A 151 -14.82 22.41 12.80
N GLY A 152 -13.65 23.03 12.89
CA GLY A 152 -13.54 24.47 13.17
C GLY A 152 -12.43 25.13 12.37
N HIS A 153 -11.77 24.37 11.53
CA HIS A 153 -10.68 24.90 10.69
C HIS A 153 -11.22 25.20 9.30
N THR A 154 -10.48 26.01 8.57
CA THR A 154 -10.86 26.45 7.21
C THR A 154 -9.80 26.02 6.22
N GLY A 155 -8.75 25.35 6.66
CA GLY A 155 -7.71 24.82 5.75
C GLY A 155 -7.39 23.39 6.07
N TYR A 156 -6.66 22.71 5.20
CA TYR A 156 -6.30 21.30 5.43
C TYR A 156 -5.57 21.17 6.77
N LEU A 157 -5.87 20.09 7.50
CA LEU A 157 -5.15 19.79 8.73
C LEU A 157 -3.82 19.15 8.36
N SER A 158 -2.73 19.64 8.94
CA SER A 158 -1.40 19.12 8.66
C SER A 158 -0.85 18.28 9.80
N CYS A 159 -1.37 18.42 11.01
CA CYS A 159 -0.80 17.70 12.17
C CYS A 159 -1.82 17.70 13.28
N CYS A 160 -1.67 16.76 14.20
CA CYS A 160 -2.55 16.65 15.36
C CYS A 160 -1.90 15.73 16.38
N ARG A 161 -1.99 16.13 17.62
CA ARG A 161 -1.31 15.44 18.72
C ARG A 161 -2.19 15.48 19.94
N PHE A 162 -2.58 14.33 20.45
CA PHE A 162 -3.37 14.21 21.68
C PHE A 162 -2.52 14.65 22.87
N LEU A 163 -3.19 15.38 23.77
CA LEU A 163 -2.67 15.65 25.12
C LEU A 163 -3.20 14.54 26.06
N ASP A 164 -4.52 14.45 26.16
CA ASP A 164 -5.24 13.51 27.04
C ASP A 164 -6.27 12.85 26.15
N ASP A 165 -7.17 12.09 26.72
CA ASP A 165 -8.26 11.47 25.92
C ASP A 165 -9.27 12.54 25.57
N ASN A 166 -9.14 13.74 26.13
CA ASN A 166 -10.13 14.83 25.88
C ASN A 166 -9.50 16.04 25.22
N GLN A 167 -8.20 16.26 25.38
CA GLN A 167 -7.54 17.43 24.75
C GLN A 167 -6.75 16.97 23.54
N ILE A 168 -7.03 17.54 22.39
CA ILE A 168 -6.18 17.34 21.18
C ILE A 168 -5.85 18.71 20.55
N VAL A 169 -4.58 18.94 20.25
CA VAL A 169 -4.11 20.17 19.59
C VAL A 169 -3.87 19.86 18.11
N THR A 170 -4.36 20.70 17.25
CA THR A 170 -4.24 20.51 15.78
C THR A 170 -3.66 21.76 15.13
N SER A 171 -2.93 21.56 14.05
CA SER A 171 -2.38 22.63 13.20
C SER A 171 -2.93 22.45 11.80
N SER A 172 -3.33 23.54 11.17
CA SER A 172 -4.05 23.50 9.88
C SER A 172 -3.37 24.43 8.86
N GLY A 173 -3.90 24.38 7.63
CA GLY A 173 -3.47 25.29 6.56
C GLY A 173 -4.11 26.66 6.63
N ASP A 174 -4.89 26.96 7.66
CA ASP A 174 -5.47 28.30 7.84
C ASP A 174 -4.54 29.18 8.69
N THR A 175 -3.26 28.86 8.75
CA THR A 175 -2.22 29.63 9.46
C THR A 175 -2.48 29.65 10.98
N THR A 176 -3.37 28.80 11.48
CA THR A 176 -3.71 28.79 12.92
C THR A 176 -3.58 27.38 13.49
N CYS A 177 -3.14 27.29 14.71
CA CYS A 177 -3.25 26.06 15.53
C CYS A 177 -4.40 26.25 16.51
N ALA A 178 -4.98 25.15 16.96
CA ALA A 178 -6.12 25.14 17.89
C ALA A 178 -5.91 24.06 18.94
N LEU A 179 -6.43 24.29 20.13
CA LEU A 179 -6.54 23.26 21.20
C LEU A 179 -8.01 22.93 21.40
N TRP A 180 -8.34 21.67 21.31
CA TRP A 180 -9.76 21.23 21.23
C TRP A 180 -10.19 20.58 22.54
N ASP A 181 -11.50 20.46 22.69
CA ASP A 181 -12.14 19.69 23.77
C ASP A 181 -13.06 18.70 23.07
N ILE A 182 -12.72 17.43 23.15
CA ILE A 182 -13.33 16.42 22.25
C ILE A 182 -14.79 16.22 22.66
N GLU A 183 -15.09 16.25 23.96
CA GLU A 183 -16.49 16.03 24.43
C GLU A 183 -17.43 17.09 23.86
N THR A 184 -17.03 18.35 23.90
CA THR A 184 -17.87 19.46 23.43
C THR A 184 -17.67 19.69 21.93
N GLY A 185 -16.49 19.34 21.41
CA GLY A 185 -16.14 19.56 19.99
C GLY A 185 -16.06 21.03 19.66
N GLN A 186 -15.50 21.81 20.57
CA GLN A 186 -15.24 23.25 20.31
C GLN A 186 -13.78 23.55 20.68
N GLN A 187 -13.20 24.51 20.01
CA GLN A 187 -11.80 24.91 20.24
C GLN A 187 -11.71 25.63 21.58
N THR A 188 -11.11 24.97 22.56
CA THR A 188 -10.83 25.57 23.87
C THR A 188 -9.93 26.80 23.70
N THR A 189 -8.92 26.72 22.84
CA THR A 189 -8.00 27.84 22.59
C THR A 189 -7.63 27.82 21.12
N THR A 190 -7.32 28.99 20.57
CA THR A 190 -6.88 29.12 19.17
C THR A 190 -5.56 29.89 19.15
N PHE A 191 -4.56 29.31 18.51
CA PHE A 191 -3.20 29.90 18.44
C PHE A 191 -3.06 30.55 17.09
N THR A 192 -2.88 31.88 17.12
CA THR A 192 -2.74 32.70 15.90
C THR A 192 -1.46 33.49 15.99
N GLY A 193 -0.92 33.82 14.84
CA GLY A 193 0.35 34.57 14.76
C GLY A 193 1.21 34.08 13.64
N HIS A 194 0.91 32.93 13.08
CA HIS A 194 1.67 32.40 11.94
C HIS A 194 1.23 33.12 10.66
N THR A 195 2.20 33.58 9.87
CA THR A 195 1.96 34.31 8.61
C THR A 195 1.99 33.35 7.43
N GLY A 196 2.19 32.06 7.66
CA GLY A 196 2.19 31.04 6.59
C GLY A 196 1.45 29.80 7.01
N ASP A 197 1.24 28.87 6.09
CA ASP A 197 0.50 27.63 6.40
C ASP A 197 1.30 26.78 7.38
N VAL A 198 0.65 26.34 8.44
CA VAL A 198 1.33 25.59 9.53
C VAL A 198 1.41 24.13 9.08
N MET A 199 2.57 23.53 9.26
CA MET A 199 2.82 22.20 8.67
C MET A 199 2.84 21.13 9.76
N SER A 200 3.46 21.37 10.89
CA SER A 200 3.60 20.31 11.91
C SER A 200 3.73 20.94 13.27
N LEU A 201 3.35 20.18 14.28
CA LEU A 201 3.54 20.58 15.67
C LEU A 201 4.11 19.41 16.46
N SER A 202 4.77 19.73 17.54
CA SER A 202 5.35 18.72 18.46
C SER A 202 5.03 19.17 19.88
N LEU A 203 4.60 18.25 20.71
CA LEU A 203 4.26 18.57 22.11
C LEU A 203 5.50 18.35 22.97
N ALA A 204 5.59 19.12 24.03
CA ALA A 204 6.68 18.98 25.02
C ALA A 204 6.45 17.69 25.79
N PRO A 205 7.51 17.10 26.35
CA PRO A 205 7.35 15.94 27.23
C PRO A 205 6.32 16.16 28.36
N ASP A 206 6.30 17.35 28.96
CA ASP A 206 5.38 17.67 30.09
C ASP A 206 4.00 18.07 29.56
N THR A 207 3.83 18.17 28.24
CA THR A 207 2.54 18.54 27.59
C THR A 207 2.03 19.90 28.10
N ARG A 208 2.94 20.82 28.40
CA ARG A 208 2.56 22.21 28.78
C ARG A 208 2.88 23.17 27.64
N LEU A 209 3.81 22.82 26.75
CA LEU A 209 4.19 23.69 25.62
C LEU A 209 4.21 22.87 24.34
N PHE A 210 4.10 23.53 23.21
CA PHE A 210 4.24 22.88 21.91
C PHE A 210 4.73 23.86 20.88
N VAL A 211 5.69 23.43 20.08
CA VAL A 211 6.26 24.23 18.97
C VAL A 211 5.61 23.81 17.66
N SER A 212 5.39 24.78 16.79
CA SER A 212 4.73 24.56 15.48
C SER A 212 5.62 25.15 14.40
N GLY A 213 5.67 24.46 13.26
CA GLY A 213 6.43 24.92 12.10
C GLY A 213 5.47 25.28 11.00
N ALA A 214 5.74 26.40 10.34
CA ALA A 214 4.81 26.92 9.31
C ALA A 214 5.57 27.12 8.01
N CYS A 215 4.82 27.34 6.95
CA CYS A 215 5.36 27.63 5.60
C CYS A 215 6.03 29.00 5.55
N ASP A 216 5.88 29.85 6.55
CA ASP A 216 6.56 31.17 6.57
C ASP A 216 7.99 31.07 7.12
N ALA A 217 8.60 29.88 7.13
CA ALA A 217 10.02 29.69 7.49
C ALA A 217 10.27 30.20 8.91
N SER A 218 9.33 29.92 9.80
CA SER A 218 9.48 30.25 11.23
C SER A 218 8.85 29.15 12.06
N ALA A 219 9.38 28.96 13.26
CA ALA A 219 8.77 28.07 14.27
C ALA A 219 8.44 28.89 15.50
N LYS A 220 7.26 28.66 16.05
CA LYS A 220 6.77 29.40 17.23
C LYS A 220 6.59 28.46 18.41
N LEU A 221 7.06 28.86 19.58
CA LEU A 221 6.80 28.15 20.85
C LEU A 221 5.49 28.68 21.45
N TRP A 222 4.52 27.79 21.64
CA TRP A 222 3.19 28.15 22.16
C TRP A 222 3.03 27.64 23.60
N ASP A 223 2.15 28.29 24.33
CA ASP A 223 1.73 27.85 25.68
C ASP A 223 0.30 27.34 25.57
N VAL A 224 0.08 26.12 26.04
CA VAL A 224 -1.21 25.42 25.79
C VAL A 224 -2.31 26.02 26.67
N ARG A 225 -1.96 26.46 27.88
CA ARG A 225 -2.97 27.04 28.81
C ARG A 225 -3.35 28.46 28.38
N GLU A 226 -2.37 29.37 28.38
CA GLU A 226 -2.64 30.81 28.08
C GLU A 226 -3.09 30.97 26.63
N GLY A 227 -2.44 30.26 25.70
CA GLY A 227 -2.74 30.37 24.26
C GLY A 227 -1.99 31.48 23.58
N MET A 228 -0.88 31.92 24.16
CA MET A 228 -0.04 32.99 23.55
C MET A 228 1.32 32.40 23.18
N CYS A 229 1.90 32.95 22.14
CA CYS A 229 3.22 32.50 21.63
C CYS A 229 4.31 33.11 22.52
N ARG A 230 5.14 32.27 23.10
CA ARG A 230 6.23 32.73 23.99
C ARG A 230 7.41 33.21 23.16
N GLN A 231 7.89 32.41 22.21
CA GLN A 231 9.07 32.76 21.39
C GLN A 231 8.82 32.37 19.95
N THR A 232 9.57 32.98 19.05
CA THR A 232 9.56 32.64 17.62
C THR A 232 11.00 32.50 17.15
N PHE A 233 11.28 31.42 16.43
CA PHE A 233 12.62 31.10 15.91
C PHE A 233 12.59 31.22 14.40
N THR A 234 13.56 31.95 13.86
CA THR A 234 13.80 32.01 12.40
C THR A 234 15.20 31.48 12.13
N GLY A 235 15.50 31.34 10.86
CA GLY A 235 16.83 30.88 10.44
C GLY A 235 16.75 30.06 9.20
N HIS A 236 15.65 29.37 9.00
CA HIS A 236 15.46 28.57 7.77
C HIS A 236 15.24 29.51 6.59
N GLU A 237 15.22 28.94 5.40
CA GLU A 237 15.11 29.70 4.15
C GLU A 237 13.81 29.39 3.44
N SER A 238 13.12 28.30 3.79
CA SER A 238 11.91 27.86 3.08
C SER A 238 10.94 27.20 4.08
N ASP A 239 10.00 26.43 3.58
CA ASP A 239 8.93 25.83 4.41
C ASP A 239 9.56 24.96 5.47
N ILE A 240 9.00 24.96 6.67
CA ILE A 240 9.36 23.97 7.73
C ILE A 240 8.34 22.85 7.72
N ASN A 241 8.82 21.64 7.48
CA ASN A 241 7.92 20.51 7.17
C ASN A 241 7.79 19.58 8.36
N ALA A 242 8.79 19.53 9.24
CA ALA A 242 8.70 18.64 10.40
C ALA A 242 9.38 19.26 11.62
N ILE A 243 8.91 18.85 12.77
CA ILE A 243 9.43 19.45 14.02
C ILE A 243 9.27 18.41 15.13
N CYS A 244 10.25 18.37 16.01
CA CYS A 244 10.21 17.50 17.20
C CYS A 244 11.06 18.11 18.31
N PHE A 245 10.59 18.00 19.54
CA PHE A 245 11.40 18.37 20.71
C PHE A 245 12.53 17.36 20.94
N PHE A 246 13.58 17.86 21.54
CA PHE A 246 14.57 17.05 22.25
C PHE A 246 13.86 16.35 23.41
N PRO A 247 14.30 15.15 23.80
CA PRO A 247 13.66 14.41 24.89
C PRO A 247 13.48 15.21 26.19
N ASN A 248 14.38 16.12 26.50
CA ASN A 248 14.32 16.87 27.79
C ASN A 248 13.38 18.07 27.68
N GLY A 249 12.85 18.35 26.48
CA GLY A 249 11.94 19.50 26.26
C GLY A 249 12.62 20.86 26.34
N ASN A 250 13.94 20.90 26.26
CA ASN A 250 14.71 22.16 26.30
C ASN A 250 15.36 22.41 24.95
N ALA A 251 14.93 21.71 23.90
CA ALA A 251 15.46 21.91 22.54
C ALA A 251 14.49 21.27 21.56
N PHE A 252 14.61 21.66 20.29
CA PHE A 252 13.79 21.05 19.22
C PHE A 252 14.45 21.25 17.89
N ALA A 253 14.06 20.44 16.93
CA ALA A 253 14.70 20.39 15.61
C ALA A 253 13.63 20.54 14.55
N THR A 254 13.99 21.20 13.46
CA THR A 254 13.05 21.50 12.36
C THR A 254 13.62 20.95 11.08
N GLY A 255 12.76 20.37 10.27
CA GLY A 255 13.13 19.95 8.91
C GLY A 255 12.45 20.84 7.90
N SER A 256 13.23 21.40 6.98
CA SER A 256 12.75 22.38 6.00
C SER A 256 13.03 21.90 4.57
N ASP A 257 12.58 22.68 3.63
CA ASP A 257 12.85 22.46 2.19
C ASP A 257 14.22 23.03 1.81
N ASP A 258 14.89 23.77 2.68
CA ASP A 258 16.30 24.16 2.43
C ASP A 258 17.27 22.94 2.56
N ALA A 259 16.76 21.70 2.72
CA ALA A 259 17.54 20.48 2.93
C ALA A 259 18.49 20.68 4.12
N THR A 260 18.02 21.39 5.13
CA THR A 260 18.79 21.56 6.37
C THR A 260 17.91 21.22 7.56
N CYS A 261 18.46 20.55 8.55
CA CYS A 261 17.81 20.41 9.87
C CYS A 261 18.52 21.32 10.87
N ARG A 262 17.76 21.96 11.72
CA ARG A 262 18.35 22.93 12.67
C ARG A 262 17.87 22.62 14.08
N LEU A 263 18.78 22.68 15.03
CA LEU A 263 18.43 22.43 16.44
C LEU A 263 18.36 23.75 17.18
N PHE A 264 17.15 24.14 17.54
CA PHE A 264 16.91 25.40 18.28
C PHE A 264 16.87 25.09 19.78
N ASP A 265 17.28 26.06 20.58
CA ASP A 265 17.10 25.99 22.04
C ASP A 265 15.95 26.89 22.51
N LEU A 266 15.18 26.44 23.49
CA LEU A 266 14.11 27.31 24.06
C LEU A 266 14.67 28.26 25.11
N ARG A 267 15.59 27.83 25.95
CA ARG A 267 16.14 28.73 26.99
C ARG A 267 17.02 29.81 26.36
N ALA A 268 17.94 29.44 25.49
CA ALA A 268 18.87 30.40 24.88
C ALA A 268 18.19 31.11 23.70
N ASP A 269 17.08 30.56 23.18
CA ASP A 269 16.25 31.23 22.15
C ASP A 269 17.08 31.49 20.90
N GLN A 270 17.95 30.55 20.53
CA GLN A 270 18.80 30.73 19.33
C GLN A 270 18.76 29.47 18.47
N GLU A 271 19.59 29.45 17.43
CA GLU A 271 19.85 28.21 16.67
C GLU A 271 21.23 27.67 17.05
N LEU A 272 21.34 26.36 17.21
CA LEU A 272 22.60 25.70 17.65
C LEU A 272 23.30 25.04 16.48
N MET A 273 22.63 24.11 15.83
CA MET A 273 23.24 23.34 14.72
C MET A 273 22.43 23.58 13.45
N THR A 274 23.12 23.35 12.34
CA THR A 274 22.48 23.07 11.05
C THR A 274 23.07 21.76 10.53
N TYR A 275 22.21 20.84 10.13
CA TYR A 275 22.66 19.55 9.59
C TYR A 275 22.46 19.58 8.08
N SER A 276 23.43 20.17 7.40
CA SER A 276 23.39 20.31 5.92
C SER A 276 24.57 19.55 5.33
N HIS A 277 24.30 18.93 4.20
CA HIS A 277 25.35 18.23 3.43
C HIS A 277 25.24 18.68 1.99
N ASP A 278 26.38 18.88 1.35
CA ASP A 278 26.42 19.45 -0.01
C ASP A 278 25.69 18.50 -0.97
N ASN A 279 25.81 17.19 -0.72
CA ASN A 279 25.22 16.14 -1.59
C ASN A 279 23.68 16.28 -1.58
N ILE A 280 23.11 16.73 -0.48
CA ILE A 280 21.64 16.68 -0.25
C ILE A 280 21.03 17.98 -0.73
N ILE A 281 20.04 17.86 -1.60
CA ILE A 281 19.41 19.03 -2.26
C ILE A 281 17.89 18.90 -2.22
N CYS A 282 17.35 17.75 -1.81
CA CYS A 282 15.87 17.60 -1.71
C CYS A 282 15.39 18.02 -0.33
N GLY A 283 14.10 18.18 -0.17
CA GLY A 283 13.53 18.75 1.07
C GLY A 283 13.28 17.68 2.11
N ILE A 284 13.49 18.02 3.37
CA ILE A 284 13.20 17.12 4.53
C ILE A 284 11.70 17.01 4.72
N THR A 285 11.21 15.79 4.89
CA THR A 285 9.78 15.55 5.05
C THR A 285 9.45 15.24 6.51
N SER A 286 10.31 14.53 7.21
CA SER A 286 10.04 14.14 8.63
C SER A 286 11.32 14.20 9.43
N VAL A 287 11.20 14.55 10.69
CA VAL A 287 12.36 14.46 11.61
C VAL A 287 11.87 13.83 12.90
N SER A 288 12.82 13.24 13.62
CA SER A 288 12.56 12.55 14.91
C SER A 288 13.89 12.35 15.61
N PHE A 289 13.83 12.19 16.91
CA PHE A 289 15.07 12.07 17.70
C PHE A 289 15.25 10.63 18.17
N SER A 290 16.32 10.41 18.92
CA SER A 290 16.57 9.16 19.66
C SER A 290 16.25 9.39 21.12
N LYS A 291 16.04 8.31 21.84
CA LYS A 291 15.63 8.38 23.24
C LYS A 291 16.67 9.18 24.02
N SER A 292 17.95 9.07 23.68
CA SER A 292 19.01 9.82 24.41
C SER A 292 19.19 11.22 23.82
N GLY A 293 18.56 11.49 22.67
CA GLY A 293 18.74 12.75 21.93
C GLY A 293 20.09 12.82 21.24
N ARG A 294 20.78 11.70 21.06
CA ARG A 294 22.11 11.72 20.42
C ARG A 294 21.97 11.52 18.92
N LEU A 295 20.91 10.89 18.47
CA LEU A 295 20.71 10.72 17.02
C LEU A 295 19.51 11.53 16.59
N LEU A 296 19.64 12.22 15.46
CA LEU A 296 18.50 12.92 14.84
C LEU A 296 18.16 12.29 13.50
N LEU A 297 17.14 11.47 13.45
CA LEU A 297 16.70 10.82 12.20
C LEU A 297 15.79 11.73 11.38
N ALA A 298 16.17 11.99 10.16
CA ALA A 298 15.46 12.93 9.26
C ALA A 298 15.13 12.22 7.95
N GLY A 299 13.88 12.20 7.56
CA GLY A 299 13.38 11.47 6.36
C GLY A 299 13.34 12.37 5.17
N TYR A 300 14.28 12.27 4.23
CA TYR A 300 14.38 13.25 3.12
C TYR A 300 13.52 12.81 1.94
N ASP A 301 13.52 13.61 0.90
CA ASP A 301 12.85 13.33 -0.40
C ASP A 301 13.79 12.55 -1.31
N ASP A 302 15.05 12.34 -0.90
CA ASP A 302 16.09 11.57 -1.62
C ASP A 302 15.67 10.10 -1.73
N PHE A 303 14.46 9.76 -1.27
CA PHE A 303 13.89 8.39 -1.16
C PHE A 303 14.49 7.66 0.04
N ASN A 304 15.49 8.22 0.72
CA ASN A 304 16.22 7.51 1.79
C ASN A 304 15.99 8.32 3.07
N CYS A 305 16.61 7.90 4.16
CA CYS A 305 16.48 8.60 5.46
C CYS A 305 17.85 8.64 6.12
N ASN A 306 18.29 9.80 6.52
CA ASN A 306 19.63 9.98 7.15
C ASN A 306 19.53 9.98 8.67
N VAL A 307 20.61 9.64 9.33
CA VAL A 307 20.73 9.63 10.80
C VAL A 307 21.86 10.54 11.15
N TRP A 308 21.57 11.59 11.85
CA TRP A 308 22.57 12.62 12.12
C TRP A 308 23.08 12.46 13.53
N ASP A 309 24.36 12.65 13.74
CA ASP A 309 24.87 12.88 15.11
C ASP A 309 24.44 14.25 15.63
N ALA A 310 23.49 14.26 16.54
CA ALA A 310 22.82 15.49 17.00
C ALA A 310 23.76 16.38 17.83
N LEU A 311 24.95 15.96 18.22
CA LEU A 311 25.88 16.91 18.87
C LEU A 311 27.16 17.13 18.07
N LYS A 312 27.36 16.43 16.96
CA LYS A 312 28.55 16.69 16.12
C LYS A 312 28.17 17.23 14.73
N ALA A 313 26.93 17.06 14.31
CA ALA A 313 26.47 17.42 12.97
C ALA A 313 27.27 16.67 11.93
N ASP A 314 27.43 15.37 12.11
CA ASP A 314 28.13 14.49 11.14
C ASP A 314 27.20 13.37 10.73
N ARG A 315 26.94 13.22 9.44
CA ARG A 315 25.94 12.24 8.96
C ARG A 315 26.54 10.86 9.20
N ALA A 316 26.15 10.22 10.30
CA ALA A 316 26.64 8.88 10.66
C ALA A 316 25.45 7.93 10.51
N GLY A 317 25.29 7.36 9.33
CA GLY A 317 24.27 6.34 9.09
C GLY A 317 23.25 6.80 8.09
N VAL A 318 22.68 5.86 7.38
CA VAL A 318 21.68 6.12 6.34
C VAL A 318 20.74 4.93 6.32
N LEU A 319 19.48 5.18 6.08
CA LEU A 319 18.46 4.12 6.01
C LEU A 319 17.80 4.23 4.64
N ALA A 320 18.37 3.50 3.68
CA ALA A 320 17.88 3.55 2.30
C ALA A 320 17.17 2.24 2.00
N GLY A 321 15.85 2.25 2.07
CA GLY A 321 15.08 1.04 1.74
C GLY A 321 13.82 1.34 1.00
N HIS A 322 13.53 2.59 0.69
CA HIS A 322 12.21 2.95 0.13
C HIS A 322 12.35 3.33 -1.34
N ASP A 323 11.35 2.96 -2.12
CA ASP A 323 11.29 3.29 -3.57
C ASP A 323 11.00 4.78 -3.75
N ASN A 324 10.03 5.31 -3.02
CA ASN A 324 9.56 6.71 -3.17
C ASN A 324 9.99 7.51 -1.94
N ARG A 325 9.49 8.73 -1.77
CA ARG A 325 9.90 9.59 -0.64
C ARG A 325 9.45 9.12 0.74
N VAL A 326 10.28 9.31 1.76
CA VAL A 326 9.93 8.88 3.10
C VAL A 326 9.05 9.90 3.76
N SER A 327 7.75 9.68 3.75
CA SER A 327 6.79 10.65 4.29
C SER A 327 6.82 10.84 5.77
N CYS A 328 6.82 9.77 6.54
CA CYS A 328 6.77 9.87 7.98
C CYS A 328 7.87 9.06 8.61
N LEU A 329 8.28 9.44 9.80
CA LEU A 329 9.38 8.76 10.44
C LEU A 329 9.23 8.94 11.93
N GLY A 330 9.01 7.84 12.64
CA GLY A 330 8.87 7.91 14.07
C GLY A 330 9.64 6.88 14.86
N VAL A 331 10.05 7.24 16.06
CA VAL A 331 10.83 6.35 16.91
C VAL A 331 9.93 5.99 18.09
N THR A 332 10.20 4.87 18.72
CA THR A 332 9.40 4.39 19.87
C THR A 332 9.79 5.17 21.10
N ASP A 333 8.94 5.09 22.13
CA ASP A 333 9.20 5.78 23.42
C ASP A 333 10.45 5.18 24.07
N ASP A 334 10.59 3.87 24.02
CA ASP A 334 11.75 3.20 24.62
C ASP A 334 12.96 3.27 23.68
N GLY A 335 12.76 3.67 22.43
CA GLY A 335 13.87 3.82 21.48
C GLY A 335 14.41 2.51 20.96
N MET A 336 13.61 1.46 21.01
CA MET A 336 14.09 0.13 20.56
C MET A 336 13.94 -0.03 19.06
N ALA A 337 13.24 0.87 18.39
CA ALA A 337 13.00 0.76 16.95
C ALA A 337 12.73 2.14 16.34
N VAL A 338 12.87 2.26 15.04
CA VAL A 338 12.53 3.45 14.23
C VAL A 338 11.77 2.96 13.03
N ALA A 339 10.59 3.47 12.82
CA ALA A 339 9.74 3.07 11.71
C ALA A 339 9.58 4.22 10.76
N THR A 340 9.73 3.95 9.48
CA THR A 340 9.64 4.97 8.42
C THR A 340 8.57 4.53 7.45
N GLY A 341 7.69 5.44 7.11
CA GLY A 341 6.71 5.26 6.03
C GLY A 341 7.21 5.97 4.79
N SER A 342 6.55 5.70 3.67
CA SER A 342 6.96 6.31 2.39
C SER A 342 5.82 6.20 1.39
N TRP A 343 5.99 6.88 0.27
CA TRP A 343 4.96 6.90 -0.77
C TRP A 343 4.93 5.59 -1.53
N ASP A 344 5.87 4.68 -1.27
CA ASP A 344 5.90 3.36 -1.95
C ASP A 344 4.91 2.37 -1.31
N SER A 345 4.13 2.82 -0.32
CA SER A 345 3.04 2.06 0.34
C SER A 345 3.61 1.04 1.33
N PHE A 346 4.82 1.23 1.86
CA PHE A 346 5.38 0.24 2.80
C PHE A 346 5.90 0.93 4.04
N LEU A 347 5.60 0.36 5.20
CA LEU A 347 6.25 0.76 6.47
C LEU A 347 7.35 -0.23 6.82
N LYS A 348 8.50 0.28 7.19
CA LYS A 348 9.65 -0.57 7.53
C LYS A 348 10.12 -0.27 8.96
N ILE A 349 10.31 -1.28 9.74
CA ILE A 349 10.78 -1.11 11.13
C ILE A 349 12.29 -1.30 11.15
N TRP A 350 13.02 -0.28 11.49
CA TRP A 350 14.50 -0.31 11.53
C TRP A 350 14.97 -0.37 12.97
N ASN A 351 15.93 -1.23 13.24
CA ASN A 351 16.44 -1.44 14.61
C ASN A 351 17.96 -1.59 14.62
N SER B 6 0.79 -19.82 19.54
CA SER B 6 -0.27 -19.79 20.64
C SER B 6 -1.69 -19.89 20.07
N ALA B 7 -2.65 -20.33 20.88
CA ALA B 7 -4.05 -20.44 20.46
C ALA B 7 -4.60 -19.05 20.19
N GLU B 8 -4.24 -18.08 21.04
CA GLU B 8 -4.66 -16.66 20.91
C GLU B 8 -3.98 -16.11 19.66
N ASP B 9 -2.69 -16.32 19.53
CA ASP B 9 -1.90 -15.76 18.41
C ASP B 9 -2.36 -16.36 17.08
N LYS B 10 -2.79 -17.60 17.08
CA LYS B 10 -3.26 -18.24 15.83
C LYS B 10 -4.52 -17.52 15.38
N ALA B 11 -5.41 -17.20 16.33
CA ALA B 11 -6.69 -16.53 15.99
C ALA B 11 -6.41 -15.08 15.60
N ALA B 12 -5.34 -14.49 16.15
CA ALA B 12 -4.92 -13.11 15.81
C ALA B 12 -4.57 -13.04 14.32
N VAL B 13 -3.83 -14.01 13.84
CA VAL B 13 -3.37 -14.02 12.44
C VAL B 13 -4.59 -14.24 11.54
N GLU B 14 -5.64 -14.84 12.05
CA GLU B 14 -6.85 -15.02 11.23
C GLU B 14 -7.46 -13.64 10.93
N ARG B 15 -7.40 -12.72 11.86
CA ARG B 15 -7.95 -11.41 11.64
C ARG B 15 -7.10 -10.76 10.58
N SER B 16 -5.80 -10.77 10.76
CA SER B 16 -4.90 -10.06 9.83
C SER B 16 -5.16 -10.53 8.39
N LYS B 17 -5.44 -11.80 8.19
CA LYS B 17 -5.78 -12.30 6.85
C LYS B 17 -7.20 -11.85 6.50
N MET B 18 -8.10 -11.80 7.46
CA MET B 18 -9.47 -11.35 7.18
C MET B 18 -9.46 -9.86 6.86
N ILE B 19 -8.55 -9.10 7.48
CA ILE B 19 -8.37 -7.63 7.21
C ILE B 19 -7.86 -7.52 5.77
N ASP B 20 -6.83 -8.29 5.44
CA ASP B 20 -6.12 -8.10 4.15
C ASP B 20 -7.05 -8.43 2.99
N ARG B 21 -7.99 -9.30 3.17
CA ARG B 21 -8.88 -9.65 2.10
C ARG B 21 -9.89 -8.56 1.91
N ASN B 22 -10.25 -7.82 2.95
CA ASN B 22 -11.17 -6.67 2.80
C ASN B 22 -10.42 -5.52 2.14
N LEU B 23 -9.15 -5.32 2.48
CA LEU B 23 -8.36 -4.23 1.84
C LEU B 23 -8.22 -4.48 0.34
N ARG B 24 -7.93 -5.70 -0.07
CA ARG B 24 -7.80 -6.03 -1.51
C ARG B 24 -9.14 -5.80 -2.20
N GLU B 25 -10.23 -6.24 -1.61
CA GLU B 25 -11.57 -6.08 -2.24
C GLU B 25 -11.89 -4.59 -2.33
N ASP B 26 -11.55 -3.82 -1.30
CA ASP B 26 -11.78 -2.35 -1.33
C ASP B 26 -10.80 -1.71 -2.30
N GLY B 27 -9.56 -2.18 -2.33
CA GLY B 27 -8.52 -1.64 -3.25
C GLY B 27 -8.88 -1.87 -4.71
N GLU B 28 -9.44 -3.03 -5.02
CA GLU B 28 -9.83 -3.38 -6.40
C GLU B 28 -11.11 -2.65 -6.75
N LYS B 29 -11.89 -2.24 -5.78
CA LYS B 29 -13.09 -1.42 -6.07
C LYS B 29 -12.67 0.02 -6.35
N ALA B 30 -11.68 0.53 -5.63
CA ALA B 30 -11.19 1.91 -5.79
C ALA B 30 -10.39 2.02 -7.09
N ALA B 31 -9.77 0.95 -7.55
CA ALA B 31 -8.95 0.98 -8.77
C ALA B 31 -9.85 1.18 -9.98
N ARG B 32 -11.06 0.62 -9.98
CA ARG B 32 -12.00 0.78 -11.11
C ARG B 32 -12.55 2.20 -11.15
N GLU B 33 -12.56 2.90 -10.02
CA GLU B 33 -13.11 4.28 -9.96
C GLU B 33 -12.18 5.21 -10.75
N VAL B 34 -12.76 6.20 -11.41
CA VAL B 34 -11.96 7.17 -12.20
C VAL B 34 -11.84 8.47 -11.44
N LYS B 35 -10.60 8.90 -11.19
CA LYS B 35 -10.33 10.06 -10.35
C LYS B 35 -10.02 11.28 -11.24
N LEU B 36 -10.96 12.23 -11.33
CA LEU B 36 -10.76 13.50 -12.08
C LEU B 36 -10.54 14.63 -11.10
N LEU B 37 -9.45 15.36 -11.30
CA LEU B 37 -9.21 16.62 -10.57
C LEU B 37 -9.77 17.80 -11.33
N LEU B 38 -10.53 18.64 -10.64
CA LEU B 38 -11.14 19.83 -11.26
C LEU B 38 -10.47 21.12 -10.76
N LEU B 39 -10.22 22.05 -11.66
CA LEU B 39 -9.61 23.37 -11.36
C LEU B 39 -10.33 24.44 -12.17
N GLY B 40 -9.80 25.66 -12.08
CA GLY B 40 -10.26 26.82 -12.84
C GLY B 40 -10.36 28.06 -11.99
N ALA B 41 -10.80 29.15 -12.61
CA ALA B 41 -11.07 30.42 -11.88
C ALA B 41 -12.38 30.28 -11.09
N GLY B 42 -12.61 31.21 -10.17
CA GLY B 42 -13.84 31.25 -9.36
C GLY B 42 -15.11 31.29 -10.20
N GLU B 43 -15.10 32.06 -11.29
CA GLU B 43 -16.30 32.29 -12.13
C GLU B 43 -16.21 31.45 -13.41
N SER B 44 -15.35 30.41 -13.44
CA SER B 44 -15.09 29.62 -14.66
C SER B 44 -16.37 28.98 -15.19
N GLY B 45 -17.23 28.50 -14.30
CA GLY B 45 -18.41 27.70 -14.71
C GLY B 45 -18.25 26.28 -14.25
N LYS B 46 -17.20 25.99 -13.47
CA LYS B 46 -17.03 24.67 -12.82
C LYS B 46 -18.28 24.30 -12.04
N SER B 47 -18.94 25.28 -11.42
CA SER B 47 -20.24 25.07 -10.75
C SER B 47 -21.27 24.57 -11.77
N THR B 48 -21.31 25.19 -12.95
CA THR B 48 -22.30 24.84 -13.99
C THR B 48 -21.93 23.49 -14.60
N ILE B 49 -20.65 23.19 -14.70
CA ILE B 49 -20.19 21.87 -15.22
C ILE B 49 -20.62 20.78 -14.26
N VAL B 50 -20.46 21.02 -12.95
CA VAL B 50 -20.81 20.00 -11.93
C VAL B 50 -22.31 19.72 -11.98
N LYS B 51 -23.11 20.74 -12.20
CA LYS B 51 -24.58 20.56 -12.31
C LYS B 51 -24.89 19.67 -13.52
N GLN B 52 -24.22 19.86 -14.65
CA GLN B 52 -24.48 19.05 -15.87
C GLN B 52 -24.11 17.59 -15.59
N MET B 53 -23.01 17.36 -14.88
CA MET B 53 -22.47 15.98 -14.68
C MET B 53 -23.46 15.14 -13.88
N LYS B 54 -24.24 15.75 -12.98
CA LYS B 54 -25.16 14.99 -12.11
C LYS B 54 -26.59 15.50 -12.30
N THR B 182 -17.44 22.99 3.33
CA THR B 182 -16.09 23.53 2.99
C THR B 182 -15.08 22.39 2.88
N GLY B 183 -13.98 22.64 2.19
CA GLY B 183 -12.83 21.72 2.11
C GLY B 183 -12.69 21.20 0.70
N ILE B 184 -12.64 19.90 0.54
CA ILE B 184 -12.57 19.24 -0.79
C ILE B 184 -13.96 18.64 -1.02
N VAL B 185 -14.51 18.91 -2.18
CA VAL B 185 -15.86 18.44 -2.54
C VAL B 185 -15.67 17.27 -3.49
N GLU B 186 -16.39 16.20 -3.26
CA GLU B 186 -16.33 15.02 -4.14
C GLU B 186 -17.69 14.85 -4.81
N THR B 187 -17.69 14.60 -6.11
CA THR B 187 -18.91 14.28 -6.86
C THR B 187 -18.75 12.90 -7.49
N HIS B 188 -19.71 12.02 -7.25
CA HIS B 188 -19.72 10.65 -7.81
C HIS B 188 -20.83 10.57 -8.85
N PHE B 189 -20.48 10.19 -10.07
CA PHE B 189 -21.49 9.93 -11.12
C PHE B 189 -21.01 8.83 -12.04
N THR B 190 -21.96 8.11 -12.61
CA THR B 190 -21.68 6.95 -13.48
C THR B 190 -22.12 7.26 -14.91
N PHE B 191 -21.28 6.92 -15.86
CA PHE B 191 -21.61 7.09 -17.29
C PHE B 191 -21.12 5.89 -18.08
N LYS B 192 -22.05 5.18 -18.73
CA LYS B 192 -21.75 4.01 -19.58
C LYS B 192 -20.90 3.01 -18.80
N ASP B 193 -21.39 2.62 -17.63
CA ASP B 193 -20.79 1.58 -16.76
C ASP B 193 -19.39 1.99 -16.35
N LEU B 194 -19.07 3.27 -16.40
CA LEU B 194 -17.79 3.79 -15.83
C LEU B 194 -18.11 4.72 -14.68
N HIS B 195 -17.37 4.60 -13.59
CA HIS B 195 -17.61 5.39 -12.36
C HIS B 195 -16.60 6.53 -12.31
N PHE B 196 -17.09 7.75 -12.17
CA PHE B 196 -16.25 8.96 -12.14
C PHE B 196 -16.29 9.58 -10.75
N LYS B 197 -15.15 9.98 -10.25
CA LYS B 197 -15.08 10.78 -9.02
C LYS B 197 -14.37 12.10 -9.32
N MET B 198 -15.14 13.18 -9.20
CA MET B 198 -14.66 14.53 -9.56
C MET B 198 -14.34 15.29 -8.26
N PHE B 199 -13.11 15.74 -8.12
CA PHE B 199 -12.62 16.36 -6.88
C PHE B 199 -12.51 17.87 -7.06
N ASP B 200 -13.64 18.57 -6.82
CA ASP B 200 -13.69 20.05 -6.87
C ASP B 200 -12.91 20.60 -5.67
N VAL B 201 -11.67 20.99 -5.87
CA VAL B 201 -10.78 21.36 -4.75
C VAL B 201 -10.64 22.88 -4.71
N GLY B 202 -11.64 23.58 -5.23
CA GLY B 202 -11.61 25.05 -5.35
C GLY B 202 -11.71 25.76 -4.01
N GLY B 203 -12.20 25.07 -2.99
CA GLY B 203 -12.54 25.69 -1.69
C GLY B 203 -11.40 25.54 -0.69
N GLN B 204 -10.19 25.23 -1.13
CA GLN B 204 -9.07 25.00 -0.19
C GLN B 204 -8.45 26.35 0.21
N ARG B 205 -8.34 27.26 -0.74
CA ARG B 205 -7.85 28.65 -0.49
C ARG B 205 -6.59 28.64 0.41
N SER B 206 -5.68 27.72 0.16
CA SER B 206 -4.40 27.63 0.89
C SER B 206 -3.27 27.45 -0.12
N GLU B 207 -2.05 27.26 0.35
CA GLU B 207 -0.91 27.13 -0.57
C GLU B 207 -1.02 25.80 -1.33
N ARG B 208 -1.20 25.86 -2.65
CA ARG B 208 -1.31 24.62 -3.48
C ARG B 208 0.00 23.84 -3.42
N LYS B 209 1.12 24.47 -3.07
CA LYS B 209 2.43 23.80 -3.12
C LYS B 209 2.50 22.61 -2.14
N LYS B 210 1.65 22.56 -1.11
CA LYS B 210 1.79 21.56 -0.04
C LYS B 210 0.82 20.41 -0.26
N TRP B 211 -0.31 20.61 -0.90
CA TRP B 211 -1.34 19.55 -0.97
C TRP B 211 -1.70 19.18 -2.41
N ILE B 212 -1.09 19.78 -3.42
CA ILE B 212 -1.45 19.39 -4.81
C ILE B 212 -0.81 18.02 -5.10
N HIS B 213 0.27 17.69 -4.39
CA HIS B 213 0.92 16.37 -4.62
C HIS B 213 0.01 15.22 -4.21
N CYS B 214 -1.03 15.48 -3.46
CA CYS B 214 -2.04 14.48 -3.04
C CYS B 214 -2.78 13.93 -4.26
N PHE B 215 -2.80 14.68 -5.36
CA PHE B 215 -3.69 14.31 -6.49
C PHE B 215 -2.88 13.72 -7.61
N GLU B 216 -1.60 13.43 -7.40
CA GLU B 216 -0.78 12.73 -8.42
C GLU B 216 -1.41 11.37 -8.64
N GLY B 217 -1.64 11.02 -9.90
CA GLY B 217 -2.22 9.72 -10.25
C GLY B 217 -3.71 9.83 -10.52
N VAL B 218 -4.17 11.04 -10.75
CA VAL B 218 -5.55 11.19 -11.30
C VAL B 218 -5.50 10.80 -12.77
N THR B 219 -6.58 10.23 -13.26
CA THR B 219 -6.74 9.96 -14.70
C THR B 219 -6.53 11.27 -15.49
N ALA B 220 -7.26 12.34 -15.16
CA ALA B 220 -7.26 13.58 -15.96
C ALA B 220 -7.45 14.77 -15.04
N ILE B 221 -7.09 15.94 -15.51
CA ILE B 221 -7.34 17.24 -14.85
C ILE B 221 -8.33 18.03 -15.68
N ILE B 222 -9.60 18.01 -15.31
CA ILE B 222 -10.56 18.96 -15.91
C ILE B 222 -10.18 20.39 -15.54
N PHE B 223 -10.19 21.27 -16.53
CA PHE B 223 -9.85 22.70 -16.34
C PHE B 223 -10.93 23.53 -17.00
N CYS B 224 -11.55 24.41 -16.24
CA CYS B 224 -12.63 25.26 -16.77
C CYS B 224 -12.13 26.69 -16.90
N VAL B 225 -12.34 27.27 -18.08
CA VAL B 225 -12.05 28.70 -18.34
C VAL B 225 -13.25 29.32 -18.99
N ALA B 226 -13.65 30.48 -18.49
CA ALA B 226 -14.80 31.19 -19.06
C ALA B 226 -14.30 32.08 -20.20
N LEU B 227 -14.80 31.84 -21.40
CA LEU B 227 -14.39 32.63 -22.58
C LEU B 227 -14.89 34.06 -22.43
N SER B 228 -15.92 34.31 -21.64
CA SER B 228 -16.48 35.67 -21.49
C SER B 228 -15.66 36.49 -20.47
N ASP B 229 -14.45 36.08 -20.16
CA ASP B 229 -13.59 36.80 -19.20
C ASP B 229 -12.43 37.48 -19.92
N TYR B 230 -12.54 37.66 -21.23
CA TYR B 230 -11.44 38.29 -22.01
C TYR B 230 -11.44 39.81 -21.79
N ASP B 231 -12.59 40.45 -21.66
CA ASP B 231 -12.66 41.93 -21.54
C ASP B 231 -12.81 42.35 -20.07
N LEU B 232 -12.95 41.40 -19.15
CA LEU B 232 -13.19 41.71 -17.72
C LEU B 232 -11.86 41.98 -17.00
N VAL B 233 -11.94 42.01 -15.68
CA VAL B 233 -10.78 42.17 -14.78
C VAL B 233 -11.23 41.74 -13.38
N LEU B 234 -10.28 41.24 -12.61
CA LEU B 234 -10.56 40.82 -11.21
C LEU B 234 -10.93 42.06 -10.39
N ALA B 235 -11.82 41.86 -9.44
CA ALA B 235 -12.31 42.94 -8.53
C ALA B 235 -11.16 43.50 -7.69
N GLU B 236 -10.03 42.79 -7.56
CA GLU B 236 -8.92 43.23 -6.67
C GLU B 236 -7.87 43.99 -7.49
N ASP B 237 -7.42 43.40 -8.59
CA ASP B 237 -6.33 44.00 -9.41
C ASP B 237 -6.90 45.10 -10.30
N GLU B 238 -6.02 45.87 -10.91
CA GLU B 238 -6.44 47.10 -11.66
C GLU B 238 -6.87 46.71 -13.09
N GLU B 239 -5.97 46.19 -13.91
CA GLU B 239 -6.30 45.88 -15.33
C GLU B 239 -5.61 44.58 -15.76
N MET B 240 -5.40 43.65 -14.83
CA MET B 240 -4.89 42.31 -15.19
C MET B 240 -6.10 41.41 -15.45
N ASN B 241 -6.21 40.92 -16.68
CA ASN B 241 -7.41 40.24 -17.16
C ASN B 241 -7.66 38.95 -16.37
N ARG B 242 -8.93 38.58 -16.26
CA ARG B 242 -9.30 37.25 -15.71
C ARG B 242 -8.77 36.16 -16.65
N MET B 243 -8.83 36.37 -17.96
CA MET B 243 -8.35 35.36 -18.93
C MET B 243 -6.84 35.17 -18.80
N HIS B 244 -6.07 36.23 -18.58
CA HIS B 244 -4.60 36.12 -18.39
C HIS B 244 -4.30 35.47 -17.04
N GLU B 245 -5.19 35.65 -16.07
CA GLU B 245 -5.01 34.97 -14.78
C GLU B 245 -5.27 33.48 -14.95
N SER B 246 -6.23 33.12 -15.81
CA SER B 246 -6.51 31.70 -16.12
C SER B 246 -5.26 31.06 -16.73
N MET B 247 -4.57 31.78 -17.59
CA MET B 247 -3.36 31.22 -18.24
C MET B 247 -2.29 30.98 -17.19
N LYS B 248 -2.11 31.93 -16.25
CA LYS B 248 -1.05 31.80 -15.24
C LYS B 248 -1.30 30.55 -14.40
N LEU B 249 -2.56 30.31 -14.03
CA LEU B 249 -2.92 29.07 -13.31
C LEU B 249 -2.67 27.87 -14.23
N PHE B 250 -3.03 27.97 -15.50
CA PHE B 250 -2.83 26.86 -16.46
C PHE B 250 -1.35 26.54 -16.65
N ASP B 251 -0.52 27.57 -16.71
CA ASP B 251 0.92 27.37 -16.97
C ASP B 251 1.52 26.58 -15.80
N SER B 252 1.15 26.92 -14.57
CA SER B 252 1.74 26.28 -13.37
C SER B 252 1.25 24.84 -13.26
N ILE B 253 0.07 24.54 -13.79
CA ILE B 253 -0.55 23.19 -13.61
C ILE B 253 -0.09 22.27 -14.71
N CYS B 254 -0.13 22.70 -15.95
CA CYS B 254 0.26 21.83 -17.09
C CYS B 254 1.75 21.46 -16.96
N ASN B 255 2.55 22.32 -16.35
CA ASN B 255 4.00 22.12 -16.23
C ASN B 255 4.37 21.73 -14.79
N ASN B 256 3.40 21.35 -13.98
CA ASN B 256 3.66 20.95 -12.58
C ASN B 256 4.44 19.64 -12.56
N LYS B 257 5.46 19.55 -11.70
CA LYS B 257 6.31 18.34 -11.65
C LYS B 257 5.51 17.11 -11.21
N TRP B 258 4.33 17.30 -10.64
CA TRP B 258 3.46 16.19 -10.22
C TRP B 258 2.59 15.71 -11.37
N PHE B 259 2.39 16.51 -12.40
CA PHE B 259 1.48 16.12 -13.51
C PHE B 259 2.25 16.13 -14.83
N THR B 260 3.45 15.56 -14.84
CA THR B 260 4.26 15.42 -16.05
C THR B 260 3.54 14.54 -17.06
N ASP B 261 2.90 13.48 -16.60
CA ASP B 261 2.23 12.51 -17.50
C ASP B 261 0.73 12.77 -17.61
N THR B 262 0.15 13.51 -16.67
CA THR B 262 -1.32 13.59 -16.52
C THR B 262 -1.92 14.38 -17.66
N SER B 263 -2.95 13.82 -18.28
CA SER B 263 -3.71 14.48 -19.35
C SER B 263 -4.58 15.58 -18.76
N ILE B 264 -4.91 16.57 -19.56
CA ILE B 264 -5.74 17.74 -19.17
C ILE B 264 -6.93 17.80 -20.09
N ILE B 265 -8.11 17.69 -19.58
CA ILE B 265 -9.32 18.12 -20.33
C ILE B 265 -9.52 19.59 -20.07
N LEU B 266 -9.75 20.35 -21.12
CA LEU B 266 -9.86 21.82 -21.00
C LEU B 266 -11.26 22.23 -21.49
N PHE B 267 -12.12 22.54 -20.56
CA PHE B 267 -13.47 23.05 -20.90
C PHE B 267 -13.38 24.57 -21.04
N LEU B 268 -14.00 25.08 -22.11
CA LEU B 268 -14.15 26.54 -22.31
C LEU B 268 -15.64 26.85 -22.23
N ASN B 269 -16.02 27.47 -21.13
CA ASN B 269 -17.46 27.67 -20.80
C ASN B 269 -17.95 29.00 -21.33
N LYS B 270 -19.25 29.22 -21.22
CA LYS B 270 -19.92 30.52 -21.49
C LYS B 270 -19.64 30.91 -22.93
N LYS B 271 -19.59 29.94 -23.82
CA LYS B 271 -19.22 30.19 -25.23
C LYS B 271 -20.29 31.06 -25.89
N ASP B 272 -21.57 30.87 -25.58
CA ASP B 272 -22.61 31.72 -26.21
C ASP B 272 -22.55 33.15 -25.68
N LEU B 273 -22.28 33.31 -24.39
CA LEU B 273 -22.09 34.67 -23.84
C LEU B 273 -20.86 35.31 -24.49
N PHE B 274 -19.84 34.54 -24.80
CA PHE B 274 -18.64 35.07 -25.47
C PHE B 274 -19.00 35.56 -26.86
N GLU B 275 -19.92 34.86 -27.53
CA GLU B 275 -20.34 35.24 -28.90
C GLU B 275 -21.00 36.62 -28.87
N GLU B 276 -21.87 36.86 -27.90
CA GLU B 276 -22.54 38.17 -27.77
C GLU B 276 -21.47 39.22 -27.42
N LYS B 277 -20.55 38.88 -26.53
CA LYS B 277 -19.52 39.84 -26.05
C LYS B 277 -18.63 40.26 -27.22
N ILE B 278 -18.22 39.30 -28.04
CA ILE B 278 -17.23 39.57 -29.11
C ILE B 278 -17.91 40.31 -30.25
N LYS B 279 -19.21 40.17 -30.43
CA LYS B 279 -19.91 40.80 -31.58
C LYS B 279 -19.92 42.32 -31.40
N LYS B 280 -19.76 42.82 -30.18
CA LYS B 280 -19.80 44.29 -29.91
C LYS B 280 -18.43 44.83 -29.49
N SER B 281 -17.66 44.08 -28.71
CA SER B 281 -16.36 44.51 -28.15
C SER B 281 -15.23 43.84 -28.92
N PRO B 282 -14.08 44.52 -29.08
CA PRO B 282 -12.92 43.91 -29.71
C PRO B 282 -12.19 42.94 -28.79
N LEU B 283 -11.41 42.05 -29.40
CA LEU B 283 -10.59 41.04 -28.70
C LEU B 283 -9.19 41.60 -28.40
N THR B 284 -8.84 42.74 -28.97
CA THR B 284 -7.52 43.38 -28.71
C THR B 284 -7.34 43.77 -27.24
N ILE B 285 -8.41 43.92 -26.47
CA ILE B 285 -8.32 44.37 -25.05
C ILE B 285 -7.50 43.36 -24.27
N CYS B 286 -7.69 42.08 -24.53
CA CYS B 286 -6.93 41.01 -23.83
C CYS B 286 -5.66 40.67 -24.60
N TYR B 287 -5.75 40.26 -25.86
CA TYR B 287 -4.52 39.97 -26.62
C TYR B 287 -4.13 41.21 -27.42
N PRO B 288 -3.01 41.86 -27.10
CA PRO B 288 -2.57 43.03 -27.87
C PRO B 288 -2.33 42.72 -29.36
N GLU B 289 -1.78 41.55 -29.67
CA GLU B 289 -1.53 41.13 -31.07
C GLU B 289 -2.61 40.14 -31.47
N TYR B 290 -3.30 40.43 -32.56
CA TYR B 290 -4.33 39.53 -33.09
C TYR B 290 -4.66 39.89 -34.54
N ALA B 291 -4.36 38.94 -35.43
CA ALA B 291 -4.70 39.00 -36.86
C ALA B 291 -5.93 38.11 -37.07
N GLY B 292 -7.09 38.74 -37.17
CA GLY B 292 -8.36 38.02 -37.32
C GLY B 292 -9.53 38.89 -36.94
N SER B 293 -10.67 38.60 -37.55
CA SER B 293 -11.88 39.43 -37.40
C SER B 293 -12.52 39.16 -36.04
N ASN B 294 -13.51 39.98 -35.70
CA ASN B 294 -14.40 39.72 -34.56
C ASN B 294 -15.47 38.73 -35.04
N THR B 295 -15.05 37.50 -35.28
CA THR B 295 -15.98 36.39 -35.58
C THR B 295 -15.76 35.32 -34.54
N TYR B 296 -16.86 34.76 -34.05
CA TYR B 296 -16.82 33.73 -32.99
C TYR B 296 -15.85 32.61 -33.40
N GLU B 297 -15.98 32.11 -34.62
CA GLU B 297 -15.26 30.90 -35.06
C GLU B 297 -13.75 31.14 -34.97
N GLU B 298 -13.31 32.33 -35.35
CA GLU B 298 -11.86 32.63 -35.39
C GLU B 298 -11.43 33.16 -34.03
N ALA B 299 -12.30 33.93 -33.36
CA ALA B 299 -11.94 34.52 -32.04
C ALA B 299 -11.68 33.40 -31.04
N ALA B 300 -12.58 32.43 -31.00
CA ALA B 300 -12.45 31.29 -30.07
C ALA B 300 -11.22 30.46 -30.46
N ALA B 301 -11.02 30.23 -31.75
CA ALA B 301 -9.97 29.31 -32.23
C ALA B 301 -8.60 29.84 -31.81
N TYR B 302 -8.44 31.16 -31.78
CA TYR B 302 -7.15 31.74 -31.34
C TYR B 302 -6.94 31.39 -29.86
N ILE B 303 -7.98 31.56 -29.06
CA ILE B 303 -7.87 31.34 -27.59
C ILE B 303 -7.53 29.88 -27.31
N GLN B 304 -8.24 28.96 -27.96
CA GLN B 304 -8.00 27.51 -27.74
C GLN B 304 -6.54 27.19 -28.04
N CYS B 305 -6.04 27.62 -29.18
CA CYS B 305 -4.63 27.36 -29.57
C CYS B 305 -3.71 28.13 -28.64
N GLN B 306 -4.13 29.29 -28.16
CA GLN B 306 -3.30 30.08 -27.23
C GLN B 306 -3.17 29.30 -25.92
N PHE B 307 -4.25 28.70 -25.44
CA PHE B 307 -4.20 27.86 -24.20
C PHE B 307 -3.36 26.60 -24.40
N GLU B 308 -3.49 25.99 -25.58
CA GLU B 308 -2.77 24.73 -25.87
C GLU B 308 -1.26 24.95 -26.01
N ASP B 309 -0.78 26.19 -26.13
CA ASP B 309 0.66 26.46 -26.31
C ASP B 309 1.36 26.58 -24.98
N LEU B 310 0.63 26.45 -23.86
CA LEU B 310 1.25 26.65 -22.52
C LEU B 310 2.12 25.45 -22.13
N ASN B 311 1.81 24.26 -22.61
CA ASN B 311 2.53 23.05 -22.14
C ASN B 311 3.82 22.84 -22.90
N LYS B 312 4.88 22.53 -22.18
CA LYS B 312 6.18 22.12 -22.76
C LYS B 312 6.27 20.60 -22.89
N ARG B 313 5.38 19.85 -22.24
CA ARG B 313 5.38 18.37 -22.37
C ARG B 313 4.46 17.99 -23.52
N LYS B 314 4.75 18.52 -24.72
CA LYS B 314 3.87 18.36 -25.89
C LYS B 314 3.66 16.89 -26.25
N ASP B 315 4.71 16.08 -26.13
CA ASP B 315 4.67 14.65 -26.56
C ASP B 315 4.48 13.74 -25.36
N THR B 316 4.16 14.27 -24.18
CA THR B 316 3.88 13.43 -22.99
C THR B 316 2.40 13.48 -22.60
N LYS B 317 1.77 14.65 -22.67
CA LYS B 317 0.36 14.79 -22.22
C LYS B 317 -0.49 15.39 -23.34
N GLU B 318 -1.74 14.99 -23.35
CA GLU B 318 -2.69 15.39 -24.41
C GLU B 318 -3.78 16.26 -23.80
N ILE B 319 -4.01 17.42 -24.39
CA ILE B 319 -5.04 18.37 -23.93
C ILE B 319 -6.25 18.24 -24.80
N TYR B 320 -7.37 17.88 -24.25
CA TYR B 320 -8.63 17.67 -25.01
C TYR B 320 -9.55 18.86 -24.73
N THR B 321 -9.60 19.79 -25.65
CA THR B 321 -10.34 21.05 -25.47
C THR B 321 -11.74 20.94 -26.04
N HIS B 322 -12.73 21.35 -25.27
CA HIS B 322 -14.15 21.26 -25.67
C HIS B 322 -14.84 22.58 -25.43
N PHE B 323 -15.79 22.93 -26.28
CA PHE B 323 -16.67 24.11 -26.07
C PHE B 323 -17.97 23.63 -25.45
N THR B 324 -18.34 24.24 -24.35
CA THR B 324 -19.45 23.74 -23.50
C THR B 324 -20.78 23.79 -24.24
N CYS B 325 -21.46 22.64 -24.29
CA CYS B 325 -22.77 22.51 -24.96
C CYS B 325 -23.79 22.17 -23.88
N ALA B 326 -24.73 23.09 -23.61
CA ALA B 326 -25.65 22.99 -22.47
C ALA B 326 -26.67 21.86 -22.66
N THR B 327 -27.52 21.98 -23.67
CA THR B 327 -28.74 21.14 -23.80
C THR B 327 -28.35 19.72 -24.22
N ASP B 328 -27.35 19.59 -25.07
CA ASP B 328 -26.97 18.30 -25.68
C ASP B 328 -26.50 17.31 -24.60
N THR B 329 -25.98 17.80 -23.48
CA THR B 329 -25.35 16.96 -22.42
C THR B 329 -24.21 16.12 -23.02
N LYS B 330 -23.49 16.71 -23.95
CA LYS B 330 -22.32 16.09 -24.60
C LYS B 330 -21.07 16.37 -23.78
N ASN B 331 -21.15 17.29 -22.82
CA ASN B 331 -19.98 17.63 -21.97
C ASN B 331 -19.55 16.38 -21.21
N VAL B 332 -20.52 15.64 -20.68
CA VAL B 332 -20.23 14.39 -19.95
C VAL B 332 -19.73 13.35 -20.94
N GLN B 333 -20.28 13.31 -22.15
CA GLN B 333 -19.84 12.33 -23.17
C GLN B 333 -18.43 12.66 -23.66
N PHE B 334 -18.10 13.92 -23.75
CA PHE B 334 -16.74 14.32 -24.14
C PHE B 334 -15.76 13.87 -23.04
N VAL B 335 -16.16 13.96 -21.79
CA VAL B 335 -15.30 13.47 -20.67
C VAL B 335 -15.09 11.95 -20.84
N PHE B 336 -16.16 11.25 -21.18
CA PHE B 336 -16.08 9.79 -21.40
C PHE B 336 -15.02 9.49 -22.46
N ASP B 337 -15.15 10.12 -23.63
CA ASP B 337 -14.24 9.86 -24.76
C ASP B 337 -12.84 10.30 -24.39
N ALA B 338 -12.68 11.41 -23.68
CA ALA B 338 -11.34 11.93 -23.34
C ALA B 338 -10.69 10.98 -22.33
N VAL B 339 -11.48 10.41 -21.42
CA VAL B 339 -10.90 9.55 -20.35
C VAL B 339 -10.45 8.24 -20.99
N THR B 340 -11.28 7.63 -21.83
CA THR B 340 -10.93 6.33 -22.45
C THR B 340 -9.65 6.50 -23.26
N ASP B 341 -9.52 7.60 -23.98
CA ASP B 341 -8.33 7.83 -24.80
C ASP B 341 -7.11 7.79 -23.88
N VAL B 342 -7.21 8.39 -22.71
CA VAL B 342 -6.04 8.45 -21.79
C VAL B 342 -5.80 7.04 -21.25
N ILE B 343 -6.88 6.29 -21.00
CA ILE B 343 -6.75 4.89 -20.51
C ILE B 343 -6.18 4.04 -21.64
N ILE B 344 -6.74 4.12 -22.85
CA ILE B 344 -6.35 3.22 -23.97
C ILE B 344 -4.90 3.51 -24.27
N LYS B 345 -4.52 4.79 -24.36
CA LYS B 345 -3.14 5.13 -24.73
C LYS B 345 -2.24 4.61 -23.64
N ASN B 346 -2.71 4.54 -22.43
CA ASN B 346 -1.81 4.19 -21.32
C ASN B 346 -1.61 2.71 -21.33
N ASN B 347 -2.70 2.03 -21.57
CA ASN B 347 -2.64 0.56 -21.69
C ASN B 347 -1.63 0.16 -22.77
N LEU B 348 -1.52 0.95 -23.83
CA LEU B 348 -0.57 0.62 -24.90
C LEU B 348 0.85 0.87 -24.41
N LYS B 349 1.03 1.67 -23.36
CA LYS B 349 2.39 2.03 -22.92
C LYS B 349 2.98 0.85 -22.16
N ASP B 350 2.28 0.40 -21.12
CA ASP B 350 2.86 -0.57 -20.16
C ASP B 350 3.01 -1.95 -20.80
N CYS B 351 2.24 -2.26 -21.85
CA CYS B 351 2.36 -3.58 -22.53
C CYS B 351 3.38 -3.50 -23.67
N GLY B 352 3.90 -2.32 -23.96
CA GLY B 352 5.01 -2.14 -24.90
C GLY B 352 4.52 -2.02 -26.32
N LEU B 353 3.21 -2.09 -26.55
CA LEU B 353 2.65 -2.05 -27.94
C LEU B 353 2.53 -0.58 -28.36
N PHE B 354 3.59 0.20 -28.17
CA PHE B 354 3.57 1.67 -28.40
C PHE B 354 4.93 2.28 -28.08
N SER C 8 -5.72 47.92 8.53
CA SER C 8 -4.52 47.12 8.89
C SER C 8 -3.89 47.64 10.19
N ILE C 9 -4.52 48.61 10.84
CA ILE C 9 -3.95 49.28 12.04
C ILE C 9 -3.95 48.27 13.19
N ALA C 10 -5.04 47.51 13.32
CA ALA C 10 -5.23 46.53 14.41
C ALA C 10 -4.13 45.47 14.34
N GLN C 11 -3.85 44.95 13.14
CA GLN C 11 -2.87 43.86 12.97
C GLN C 11 -1.50 44.34 13.44
N ALA C 12 -1.15 45.58 13.09
CA ALA C 12 0.15 46.16 13.49
C ALA C 12 0.18 46.32 15.02
N ARG C 13 -0.90 46.79 15.62
CA ARG C 13 -0.93 47.03 17.09
C ARG C 13 -0.81 45.68 17.81
N LYS C 14 -1.53 44.67 17.35
CA LYS C 14 -1.40 43.30 17.92
C LYS C 14 0.03 42.79 17.69
N LEU C 15 0.67 43.23 16.60
CA LEU C 15 2.02 42.73 16.25
C LEU C 15 3.04 43.27 17.24
N VAL C 16 3.02 44.56 17.54
CA VAL C 16 4.13 45.22 18.28
C VAL C 16 4.22 44.65 19.71
N GLU C 17 3.09 44.44 20.38
CA GLU C 17 3.10 43.90 21.76
C GLU C 17 3.55 42.43 21.76
N GLN C 18 3.45 41.75 20.63
CA GLN C 18 3.86 40.32 20.55
C GLN C 18 5.39 40.22 20.71
N LEU C 19 6.14 41.01 19.94
CA LEU C 19 7.63 40.97 20.01
C LEU C 19 8.08 41.58 21.34
N LYS C 20 7.37 42.61 21.82
CA LYS C 20 7.75 43.25 23.08
C LYS C 20 7.67 42.21 24.20
N MET C 21 6.63 41.37 24.18
CA MET C 21 6.54 40.22 25.10
C MET C 21 7.66 39.22 24.77
N GLU C 22 7.92 38.99 23.49
CA GLU C 22 9.00 38.06 23.06
C GLU C 22 10.38 38.57 23.48
N ALA C 23 10.62 39.87 23.44
CA ALA C 23 11.95 40.43 23.82
C ALA C 23 12.08 40.41 25.35
N ASN C 24 10.97 40.43 26.07
CA ASN C 24 10.99 40.52 27.56
C ASN C 24 10.95 39.12 28.14
N ILE C 25 11.99 38.34 27.86
CA ILE C 25 12.16 37.00 28.47
C ILE C 25 13.61 36.86 28.90
N ASP C 26 13.84 36.01 29.89
CA ASP C 26 15.21 35.70 30.35
C ASP C 26 15.87 34.81 29.30
N ARG C 27 17.07 35.18 28.87
CA ARG C 27 17.85 34.40 27.90
C ARG C 27 19.12 33.90 28.57
N ILE C 28 19.37 32.61 28.46
CA ILE C 28 20.61 31.99 28.99
C ILE C 28 21.65 31.90 27.88
N LYS C 29 22.92 31.91 28.28
CA LYS C 29 24.07 31.79 27.35
C LYS C 29 23.99 30.46 26.62
N VAL C 30 24.36 30.42 25.36
CA VAL C 30 24.43 29.15 24.59
C VAL C 30 25.53 28.25 25.18
N SER C 31 26.56 28.82 25.79
CA SER C 31 27.64 28.06 26.46
C SER C 31 27.05 27.04 27.44
N LYS C 32 26.22 27.50 28.35
CA LYS C 32 25.65 26.64 29.41
C LYS C 32 24.61 25.72 28.78
N ALA C 33 23.79 26.22 27.86
CA ALA C 33 22.73 25.41 27.23
C ALA C 33 23.36 24.33 26.35
N ALA C 34 24.53 24.62 25.78
CA ALA C 34 25.26 23.63 24.96
C ALA C 34 25.65 22.46 25.87
N ALA C 35 26.17 22.75 27.06
CA ALA C 35 26.61 21.72 28.03
C ALA C 35 25.39 20.88 28.42
N ASP C 36 24.24 21.49 28.62
CA ASP C 36 23.03 20.77 29.10
C ASP C 36 22.61 19.72 28.05
N LEU C 37 22.63 20.05 26.78
CA LEU C 37 22.33 19.03 25.75
C LEU C 37 23.43 17.95 25.72
N MET C 38 24.68 18.34 25.97
CA MET C 38 25.77 17.34 26.07
C MET C 38 25.51 16.47 27.31
N ALA C 39 25.10 17.08 28.43
CA ALA C 39 24.92 16.35 29.71
C ALA C 39 23.80 15.33 29.57
N TYR C 40 22.70 15.67 28.95
CA TYR C 40 21.53 14.77 28.93
C TYR C 40 21.83 13.61 27.99
N CYS C 41 22.50 13.86 26.88
CA CYS C 41 22.77 12.74 25.94
C CYS C 41 23.71 11.71 26.58
N GLU C 42 24.75 12.16 27.28
CA GLU C 42 25.70 11.21 27.89
C GLU C 42 25.08 10.54 29.13
N ALA C 43 24.21 11.24 29.84
CA ALA C 43 23.58 10.67 31.07
C ALA C 43 22.63 9.54 30.69
N HIS C 44 21.98 9.61 29.55
CA HIS C 44 21.02 8.57 29.08
C HIS C 44 21.59 7.84 27.86
N ALA C 45 22.91 7.87 27.64
CA ALA C 45 23.51 7.25 26.44
C ALA C 45 23.33 5.73 26.47
N LYS C 46 23.56 5.14 27.65
CA LYS C 46 23.59 3.67 27.82
C LYS C 46 22.16 3.11 27.91
N GLU C 47 21.14 3.96 27.94
CA GLU C 47 19.73 3.48 27.84
C GLU C 47 19.23 3.58 26.40
N ASP C 48 20.09 3.90 25.43
CA ASP C 48 19.64 4.16 24.05
C ASP C 48 19.85 2.91 23.21
N PRO C 49 18.78 2.21 22.79
CA PRO C 49 18.91 1.09 21.86
C PRO C 49 19.60 1.39 20.53
N LEU C 50 19.38 2.58 19.98
CA LEU C 50 19.81 2.87 18.59
C LEU C 50 21.28 3.25 18.66
N LEU C 51 21.70 3.96 19.70
CA LEU C 51 23.12 4.40 19.81
C LEU C 51 24.00 3.14 20.01
N THR C 52 23.75 2.35 21.04
CA THR C 52 24.47 1.07 21.27
C THR C 52 23.55 -0.05 20.85
N PRO C 53 23.89 -0.83 19.81
CA PRO C 53 23.01 -1.92 19.38
C PRO C 53 22.90 -2.99 20.46
N VAL C 54 21.71 -3.55 20.59
CA VAL C 54 21.37 -4.50 21.69
C VAL C 54 21.38 -5.90 21.10
N PRO C 55 21.94 -6.91 21.81
CA PRO C 55 21.90 -8.28 21.30
C PRO C 55 20.47 -8.80 21.05
N ALA C 56 20.33 -9.75 20.13
CA ALA C 56 19.02 -10.24 19.65
C ALA C 56 18.20 -10.86 20.80
N SER C 57 18.84 -11.21 21.91
CA SER C 57 18.15 -11.75 23.10
C SER C 57 17.23 -10.69 23.70
N GLU C 58 17.65 -9.42 23.70
CA GLU C 58 16.83 -8.31 24.25
C GLU C 58 16.25 -7.45 23.13
N ASN C 59 16.18 -7.98 21.91
CA ASN C 59 15.67 -7.20 20.75
C ASN C 59 14.31 -7.74 20.37
N PRO C 60 13.22 -6.99 20.62
CA PRO C 60 11.89 -7.46 20.27
C PRO C 60 11.65 -7.68 18.79
N PHE C 61 12.47 -7.08 17.94
CA PHE C 61 12.32 -7.20 16.47
C PHE C 61 13.30 -8.25 15.92
N GLN D 32 5.69 -54.85 -34.62
CA GLN D 32 7.08 -55.10 -35.17
C GLN D 32 7.96 -53.84 -34.94
N CYS D 33 8.80 -53.83 -33.91
CA CYS D 33 9.57 -52.61 -33.51
C CYS D 33 11.06 -52.90 -33.41
N PHE D 34 11.88 -51.98 -33.90
CA PHE D 34 13.30 -52.21 -34.23
C PHE D 34 14.16 -51.07 -33.71
N TYR D 35 14.69 -51.17 -32.51
CA TYR D 35 15.76 -50.24 -32.00
C TYR D 35 17.12 -50.88 -32.24
N ASN D 36 17.16 -52.05 -32.88
CA ASN D 36 18.40 -52.81 -33.20
C ASN D 36 19.24 -52.03 -34.22
N GLU D 37 18.59 -51.54 -35.28
CA GLU D 37 19.26 -50.90 -36.43
C GLU D 37 19.95 -49.61 -36.00
N SER D 38 20.94 -49.17 -36.75
CA SER D 38 21.62 -47.88 -36.47
C SER D 38 20.94 -46.76 -37.27
N ILE D 39 21.57 -45.59 -37.34
CA ILE D 39 21.07 -44.44 -38.13
C ILE D 39 21.14 -44.77 -39.62
N ALA D 40 22.12 -45.58 -40.02
CA ALA D 40 22.37 -45.87 -41.43
C ALA D 40 21.13 -46.57 -41.99
N PHE D 41 20.59 -47.53 -41.24
CA PHE D 41 19.40 -48.29 -41.67
C PHE D 41 18.25 -47.31 -41.90
N PHE D 42 18.07 -46.36 -40.99
CA PHE D 42 16.91 -45.45 -41.03
C PHE D 42 17.00 -44.48 -42.21
N TYR D 43 18.17 -43.88 -42.39
CA TYR D 43 18.40 -43.02 -43.58
C TYR D 43 18.16 -43.83 -44.86
N ASN D 44 18.77 -45.02 -44.97
CA ASN D 44 18.68 -45.81 -46.22
C ASN D 44 17.23 -46.23 -46.46
N ARG D 45 16.48 -46.48 -45.38
CA ARG D 45 15.03 -46.77 -45.49
C ARG D 45 14.31 -45.55 -46.07
N SER D 46 14.66 -44.36 -45.59
CA SER D 46 14.12 -43.09 -46.14
C SER D 46 14.87 -42.74 -47.42
N GLY D 47 14.61 -41.54 -47.95
CA GLY D 47 15.29 -41.00 -49.14
C GLY D 47 16.55 -40.24 -48.77
N LYS D 48 16.92 -40.19 -47.48
CA LYS D 48 17.96 -39.25 -47.05
C LYS D 48 19.37 -39.77 -47.34
N HIS D 49 20.33 -38.84 -47.35
CA HIS D 49 21.73 -39.11 -47.73
C HIS D 49 22.65 -38.77 -46.57
N LEU D 50 23.56 -39.69 -46.24
CA LEU D 50 24.39 -39.63 -45.02
C LEU D 50 25.44 -38.53 -45.16
N ALA D 51 26.02 -38.33 -46.34
CA ALA D 51 27.10 -37.36 -46.59
C ALA D 51 28.31 -37.72 -45.72
N THR D 52 28.93 -38.85 -46.02
CA THR D 52 30.16 -39.34 -45.34
C THR D 52 31.29 -38.31 -45.42
N GLU D 53 31.39 -37.55 -46.51
CA GLU D 53 32.51 -36.59 -46.70
C GLU D 53 32.00 -35.16 -46.51
N TRP D 54 32.91 -34.26 -46.14
CA TRP D 54 32.60 -32.82 -46.00
C TRP D 54 32.21 -32.24 -47.37
N ASN D 55 31.49 -31.13 -47.35
CA ASN D 55 30.98 -30.50 -48.59
C ASN D 55 31.10 -28.98 -48.47
N THR D 56 31.13 -28.30 -49.61
CA THR D 56 31.02 -26.82 -49.71
C THR D 56 29.72 -26.38 -49.03
N VAL D 57 28.60 -27.03 -49.38
CA VAL D 57 27.26 -26.73 -48.82
C VAL D 57 27.30 -27.00 -47.31
N SER D 58 27.94 -28.10 -46.87
CA SER D 58 28.01 -28.47 -45.43
C SER D 58 28.79 -27.40 -44.67
N LYS D 59 29.92 -26.96 -45.21
CA LYS D 59 30.76 -25.93 -44.54
C LYS D 59 29.96 -24.63 -44.50
N LEU D 60 29.25 -24.30 -45.59
CA LEU D 60 28.47 -23.04 -45.70
C LEU D 60 27.39 -23.03 -44.60
N VAL D 61 26.65 -24.13 -44.50
CA VAL D 61 25.52 -24.17 -43.54
C VAL D 61 26.11 -24.17 -42.14
N MET D 62 27.24 -24.83 -41.90
CA MET D 62 27.84 -24.87 -40.55
C MET D 62 28.25 -23.44 -40.17
N GLY D 63 28.89 -22.71 -41.07
CA GLY D 63 29.25 -21.31 -40.82
C GLY D 63 28.04 -20.44 -40.54
N LEU D 64 27.01 -20.50 -41.38
CA LEU D 64 25.81 -19.64 -41.20
C LEU D 64 25.08 -20.05 -39.92
N GLY D 65 24.98 -21.34 -39.62
CA GLY D 65 24.32 -21.85 -38.40
C GLY D 65 25.06 -21.38 -37.15
N ILE D 66 26.39 -21.48 -37.15
CA ILE D 66 27.19 -21.06 -35.97
C ILE D 66 27.09 -19.54 -35.83
N THR D 67 27.05 -18.81 -36.95
CA THR D 67 26.88 -17.34 -36.91
C THR D 67 25.54 -17.02 -36.27
N VAL D 68 24.48 -17.65 -36.74
CA VAL D 68 23.10 -17.38 -36.24
C VAL D 68 23.03 -17.75 -34.76
N CYS D 69 23.63 -18.87 -34.38
CA CYS D 69 23.62 -19.34 -32.97
C CYS D 69 24.37 -18.35 -32.08
N ILE D 70 25.53 -17.86 -32.53
CA ILE D 70 26.34 -16.87 -31.76
C ILE D 70 25.50 -15.60 -31.61
N PHE D 71 24.85 -15.17 -32.69
CA PHE D 71 24.01 -13.96 -32.66
C PHE D 71 22.86 -14.15 -31.67
N ILE D 72 22.20 -15.30 -31.73
CA ILE D 72 21.04 -15.56 -30.84
C ILE D 72 21.51 -15.53 -29.38
N MET D 73 22.56 -16.26 -29.09
CA MET D 73 23.07 -16.37 -27.71
C MET D 73 23.43 -14.97 -27.20
N LEU D 74 24.21 -14.20 -27.96
CA LEU D 74 24.64 -12.84 -27.53
C LEU D 74 23.41 -11.93 -27.35
N ALA D 75 22.51 -11.86 -28.32
CA ALA D 75 21.36 -10.92 -28.31
C ALA D 75 20.42 -11.21 -27.12
N ASN D 76 20.26 -12.45 -26.74
CA ASN D 76 19.39 -12.82 -25.60
C ASN D 76 20.09 -12.60 -24.27
N LEU D 77 21.41 -12.73 -24.21
CA LEU D 77 22.15 -12.41 -22.97
C LEU D 77 21.94 -10.92 -22.66
N LEU D 78 22.05 -10.06 -23.68
CA LEU D 78 21.80 -8.61 -23.50
C LEU D 78 20.39 -8.40 -22.96
N VAL D 79 19.41 -9.03 -23.58
CA VAL D 79 17.99 -8.78 -23.23
C VAL D 79 17.73 -9.23 -21.80
N MET D 80 18.20 -10.41 -21.42
CA MET D 80 17.94 -10.92 -20.07
C MET D 80 18.70 -10.07 -19.03
N VAL D 81 19.94 -9.71 -19.32
CA VAL D 81 20.75 -8.88 -18.38
C VAL D 81 20.02 -7.54 -18.15
N ALA D 82 19.57 -6.92 -19.22
CA ALA D 82 18.87 -5.61 -19.12
C ALA D 82 17.56 -5.79 -18.36
N ILE D 83 16.81 -6.84 -18.68
CA ILE D 83 15.47 -7.05 -18.05
C ILE D 83 15.63 -7.36 -16.56
N TYR D 84 16.77 -7.89 -16.14
CA TYR D 84 16.97 -8.20 -14.71
C TYR D 84 17.60 -7.03 -13.95
N VAL D 85 18.46 -6.25 -14.60
CA VAL D 85 19.28 -5.23 -13.88
C VAL D 85 18.42 -4.00 -13.55
N ASN D 86 17.44 -3.68 -14.38
CA ASN D 86 16.64 -2.44 -14.21
C ASN D 86 15.41 -2.74 -13.36
N ARG D 87 15.20 -1.91 -12.35
CA ARG D 87 13.97 -1.98 -11.51
C ARG D 87 12.76 -1.53 -12.33
N ARG D 88 12.96 -0.71 -13.36
CA ARG D 88 11.86 -0.24 -14.24
C ARG D 88 11.26 -1.43 -14.99
N PHE D 89 12.10 -2.36 -15.43
CA PHE D 89 11.66 -3.53 -16.22
C PHE D 89 11.39 -4.69 -15.29
N HIS D 90 10.54 -4.46 -14.30
CA HIS D 90 10.19 -5.49 -13.29
C HIS D 90 8.67 -5.68 -13.27
N PHE D 91 8.07 -5.80 -14.44
CA PHE D 91 6.61 -5.91 -14.60
C PHE D 91 6.32 -7.09 -15.51
N PRO D 92 5.12 -7.70 -15.38
CA PRO D 92 4.86 -8.99 -16.02
C PRO D 92 5.16 -9.03 -17.53
N ILE D 93 4.89 -7.94 -18.24
CA ILE D 93 5.17 -7.90 -19.69
C ILE D 93 6.67 -8.09 -19.91
N TYR D 94 7.50 -7.38 -19.17
CA TYR D 94 8.97 -7.56 -19.28
C TYR D 94 9.39 -8.94 -18.79
N TYR D 95 8.66 -9.52 -17.86
CA TYR D 95 8.97 -10.90 -17.42
C TYR D 95 8.79 -11.86 -18.59
N LEU D 96 7.68 -11.77 -19.31
CA LEU D 96 7.52 -12.64 -20.49
C LEU D 96 8.51 -12.25 -21.58
N MET D 97 8.93 -11.00 -21.66
CA MET D 97 9.95 -10.60 -22.66
C MET D 97 11.26 -11.30 -22.34
N ALA D 98 11.65 -11.32 -21.07
CA ALA D 98 12.89 -12.01 -20.62
C ALA D 98 12.72 -13.52 -20.83
N ASN D 99 11.52 -14.03 -20.63
CA ASN D 99 11.27 -15.47 -20.88
C ASN D 99 11.46 -15.77 -22.37
N LEU D 100 11.03 -14.88 -23.24
CA LEU D 100 11.27 -15.04 -24.69
C LEU D 100 12.76 -15.04 -24.95
N ALA D 101 13.50 -14.15 -24.29
CA ALA D 101 14.96 -14.10 -24.46
C ALA D 101 15.58 -15.44 -24.04
N ALA D 102 15.13 -15.98 -22.91
CA ALA D 102 15.65 -17.27 -22.39
C ALA D 102 15.31 -18.40 -23.35
N ALA D 103 14.08 -18.44 -23.84
CA ALA D 103 13.65 -19.51 -24.75
C ALA D 103 14.48 -19.43 -26.04
N ASP D 104 14.71 -18.23 -26.55
CA ASP D 104 15.49 -18.08 -27.80
C ASP D 104 16.95 -18.44 -27.54
N PHE D 105 17.46 -18.17 -26.35
CA PHE D 105 18.83 -18.61 -25.99
C PHE D 105 18.90 -20.14 -25.97
N PHE D 106 17.86 -20.77 -25.45
CA PHE D 106 17.76 -22.23 -25.46
C PHE D 106 17.70 -22.72 -26.92
N ALA D 107 17.01 -22.01 -27.78
CA ALA D 107 16.95 -22.38 -29.21
C ALA D 107 18.32 -22.26 -29.84
N GLY D 108 19.00 -21.17 -29.57
CA GLY D 108 20.38 -20.98 -30.04
C GLY D 108 21.25 -22.16 -29.62
N LEU D 109 21.13 -22.60 -28.38
CA LEU D 109 21.92 -23.74 -27.85
C LEU D 109 21.57 -25.02 -28.62
N ALA D 110 20.30 -25.27 -28.85
CA ALA D 110 19.83 -26.49 -29.55
C ALA D 110 20.37 -26.51 -30.98
N TYR D 111 20.31 -25.37 -31.66
CA TYR D 111 20.78 -25.29 -33.05
C TYR D 111 22.30 -25.37 -33.08
N PHE D 112 22.97 -24.81 -32.07
CA PHE D 112 24.45 -24.88 -31.95
C PHE D 112 24.88 -26.34 -31.77
N TYR D 113 24.13 -27.11 -30.99
CA TYR D 113 24.45 -28.54 -30.78
C TYR D 113 24.07 -29.35 -32.00
N LEU D 114 23.01 -28.96 -32.72
CA LEU D 114 22.62 -29.65 -34.00
C LEU D 114 23.76 -29.47 -35.00
N MET D 115 24.32 -28.26 -35.06
CA MET D 115 25.63 -28.07 -35.75
C MET D 115 26.71 -28.75 -34.92
N PHE D 116 27.82 -29.07 -35.55
CA PHE D 116 28.84 -29.96 -34.95
C PHE D 116 28.23 -31.36 -34.81
N ASN D 117 27.09 -31.61 -35.44
CA ASN D 117 26.49 -32.96 -35.53
C ASN D 117 25.91 -33.22 -36.92
N THR D 118 26.04 -32.30 -37.87
CA THR D 118 25.54 -32.52 -39.25
C THR D 118 26.66 -33.07 -40.14
N GLY D 119 26.34 -33.21 -41.43
CA GLY D 119 27.25 -33.69 -42.47
C GLY D 119 27.91 -34.99 -41.99
N PRO D 120 29.23 -35.19 -42.18
CA PRO D 120 29.83 -36.46 -41.76
C PRO D 120 29.60 -36.75 -40.27
N ASN D 121 29.53 -35.71 -39.45
CA ASN D 121 29.35 -35.89 -37.98
C ASN D 121 28.08 -36.67 -37.66
N THR D 122 27.03 -36.54 -38.46
CA THR D 122 25.77 -37.27 -38.18
C THR D 122 26.02 -38.78 -38.20
N ARG D 123 26.96 -39.23 -39.01
CA ARG D 123 27.30 -40.67 -39.13
C ARG D 123 27.80 -41.20 -37.77
N ARG D 124 28.26 -40.35 -36.87
CA ARG D 124 28.72 -40.79 -35.52
C ARG D 124 27.55 -40.98 -34.53
N LEU D 125 26.30 -40.71 -34.93
CA LEU D 125 25.14 -40.68 -33.98
C LEU D 125 24.64 -42.09 -33.64
N THR D 126 23.81 -42.18 -32.60
CA THR D 126 22.96 -43.37 -32.33
C THR D 126 21.52 -42.93 -32.18
N VAL D 127 20.60 -43.89 -31.99
CA VAL D 127 19.17 -43.52 -31.95
C VAL D 127 18.87 -42.61 -30.75
N SER D 128 19.40 -42.96 -29.59
CA SER D 128 19.21 -42.17 -28.35
C SER D 128 19.79 -40.76 -28.55
N THR D 129 21.02 -40.66 -29.04
CA THR D 129 21.64 -39.34 -29.15
C THR D 129 20.89 -38.50 -30.20
N TRP D 130 20.50 -39.09 -31.31
CA TRP D 130 19.80 -38.34 -32.38
C TRP D 130 18.47 -37.81 -31.85
N LEU D 131 17.78 -38.65 -31.10
CA LEU D 131 16.54 -38.22 -30.42
C LEU D 131 16.82 -37.08 -29.41
N LEU D 132 17.95 -37.14 -28.69
CA LEU D 132 18.40 -36.01 -27.84
C LEU D 132 18.41 -34.73 -28.68
N ARG D 133 19.06 -34.79 -29.84
CA ARG D 133 19.30 -33.58 -30.66
C ARG D 133 17.93 -33.03 -31.11
N GLN D 134 17.12 -33.90 -31.68
CA GLN D 134 15.84 -33.43 -32.27
C GLN D 134 14.87 -32.97 -31.17
N GLY D 135 14.95 -33.61 -29.99
CA GLY D 135 14.12 -33.22 -28.84
C GLY D 135 14.50 -31.85 -28.34
N LEU D 136 15.80 -31.55 -28.28
CA LEU D 136 16.22 -30.17 -27.92
C LEU D 136 15.59 -29.17 -28.90
N ILE D 137 15.66 -29.47 -30.20
CA ILE D 137 15.12 -28.55 -31.24
C ILE D 137 13.63 -28.40 -30.99
N ASP D 138 12.91 -29.49 -30.79
CA ASP D 138 11.44 -29.44 -30.67
C ASP D 138 11.06 -28.57 -29.47
N THR D 139 11.63 -28.87 -28.31
CA THR D 139 11.23 -28.15 -27.08
C THR D 139 11.58 -26.66 -27.21
N SER D 140 12.74 -26.34 -27.77
CA SER D 140 13.19 -24.93 -27.87
C SER D 140 12.21 -24.13 -28.77
N LEU D 141 11.92 -24.62 -29.96
CA LEU D 141 11.04 -23.88 -30.90
C LEU D 141 9.61 -23.85 -30.37
N THR D 142 9.15 -24.92 -29.74
CA THR D 142 7.79 -24.93 -29.16
C THR D 142 7.70 -23.86 -28.06
N ALA D 143 8.74 -23.77 -27.23
CA ALA D 143 8.79 -22.74 -26.17
C ALA D 143 8.75 -21.35 -26.79
N SER D 144 9.52 -21.12 -27.86
CA SER D 144 9.54 -19.80 -28.53
C SER D 144 8.15 -19.46 -29.08
N VAL D 145 7.52 -20.40 -29.73
CA VAL D 145 6.19 -20.12 -30.31
C VAL D 145 5.16 -19.88 -29.19
N ALA D 146 5.20 -20.66 -28.12
CA ALA D 146 4.27 -20.48 -27.01
C ALA D 146 4.52 -19.10 -26.35
N ASN D 147 5.77 -18.69 -26.22
CA ASN D 147 6.04 -17.34 -25.67
C ASN D 147 5.43 -16.26 -26.58
N LEU D 148 5.54 -16.42 -27.88
CA LEU D 148 4.93 -15.41 -28.79
C LEU D 148 3.41 -15.38 -28.56
N LEU D 149 2.76 -16.52 -28.45
CA LEU D 149 1.32 -16.53 -28.20
C LEU D 149 1.00 -15.96 -26.81
N ALA D 150 1.84 -16.22 -25.81
CA ALA D 150 1.60 -15.71 -24.44
C ALA D 150 1.70 -14.20 -24.45
N ILE D 151 2.71 -13.66 -25.15
CA ILE D 151 2.86 -12.19 -25.24
C ILE D 151 1.66 -11.60 -25.97
N ALA D 152 1.16 -12.26 -26.99
CA ALA D 152 -0.06 -11.78 -27.68
C ALA D 152 -1.23 -11.78 -26.73
N ILE D 153 -1.39 -12.82 -25.92
CA ILE D 153 -2.57 -12.92 -25.00
C ILE D 153 -2.45 -11.84 -23.94
N GLU D 154 -1.24 -11.63 -23.42
CA GLU D 154 -1.02 -10.57 -22.40
C GLU D 154 -1.32 -9.18 -22.99
N ARG D 155 -0.84 -8.85 -24.17
CA ARG D 155 -1.10 -7.52 -24.77
C ARG D 155 -2.60 -7.32 -24.91
N HIS D 156 -3.31 -8.34 -25.30
CA HIS D 156 -4.78 -8.21 -25.43
C HIS D 156 -5.38 -7.87 -24.06
N ILE D 157 -4.95 -8.56 -23.03
CA ILE D 157 -5.50 -8.33 -21.67
C ILE D 157 -5.16 -6.90 -21.24
N THR D 158 -3.92 -6.48 -21.39
CA THR D 158 -3.48 -5.15 -20.92
C THR D 158 -4.22 -4.04 -21.68
N VAL D 159 -4.37 -4.19 -22.98
CA VAL D 159 -5.08 -3.19 -23.79
C VAL D 159 -6.55 -3.13 -23.37
N PHE D 160 -7.18 -4.26 -23.15
CA PHE D 160 -8.64 -4.26 -23.00
C PHE D 160 -9.08 -3.89 -21.58
N ARG D 161 -8.16 -3.66 -20.64
CA ARG D 161 -8.60 -3.21 -19.30
C ARG D 161 -8.98 -1.73 -19.32
N MET D 162 -9.86 -1.31 -18.41
CA MET D 162 -10.42 0.04 -18.40
C MET D 162 -10.04 0.72 -17.11
N GLN D 163 -8.78 0.65 -16.74
CA GLN D 163 -8.27 1.27 -15.49
C GLN D 163 -6.97 1.97 -15.83
N LEU D 164 -6.45 2.75 -14.90
CA LEU D 164 -5.25 3.55 -15.22
C LEU D 164 -3.98 2.83 -14.80
N HIS D 165 -3.82 2.59 -13.50
CA HIS D 165 -2.55 2.04 -12.96
C HIS D 165 -2.63 0.51 -12.88
N THR D 166 -3.54 -0.03 -12.07
CA THR D 166 -3.72 -1.49 -11.91
C THR D 166 -2.39 -2.14 -11.53
N ARG D 167 -1.92 -1.84 -10.32
CA ARG D 167 -0.71 -2.48 -9.75
C ARG D 167 -0.84 -4.00 -9.87
N MET D 168 -0.06 -4.61 -10.74
CA MET D 168 -0.30 -6.01 -11.18
C MET D 168 0.50 -6.99 -10.34
N SER D 169 -0.08 -8.16 -10.14
CA SER D 169 0.54 -9.27 -9.40
C SER D 169 1.51 -10.02 -10.32
N ASN D 170 2.24 -10.96 -9.75
CA ASN D 170 3.20 -11.80 -10.51
C ASN D 170 2.66 -13.21 -10.64
N ARG D 171 1.35 -13.39 -10.48
CA ARG D 171 0.72 -14.74 -10.42
C ARG D 171 0.49 -15.23 -11.85
N ARG D 172 -0.24 -14.47 -12.64
CA ARG D 172 -0.59 -14.90 -14.02
C ARG D 172 0.68 -15.10 -14.85
N VAL D 173 1.67 -14.24 -14.69
CA VAL D 173 2.91 -14.31 -15.51
C VAL D 173 3.66 -15.61 -15.20
N VAL D 174 3.81 -15.97 -13.93
CA VAL D 174 4.55 -17.21 -13.59
C VAL D 174 3.68 -18.44 -13.91
N VAL D 175 2.37 -18.32 -13.81
CA VAL D 175 1.50 -19.44 -14.23
C VAL D 175 1.67 -19.69 -15.73
N VAL D 176 1.63 -18.66 -16.54
CA VAL D 176 1.74 -18.87 -18.00
C VAL D 176 3.18 -19.28 -18.34
N ILE D 177 4.17 -18.80 -17.58
CA ILE D 177 5.57 -19.23 -17.84
C ILE D 177 5.67 -20.76 -17.61
N VAL D 178 5.03 -21.35 -16.59
CA VAL D 178 5.15 -22.81 -16.32
C VAL D 178 4.29 -23.57 -17.34
N VAL D 179 3.16 -23.04 -17.79
CA VAL D 179 2.37 -23.73 -18.84
C VAL D 179 3.20 -23.81 -20.13
N ILE D 180 3.84 -22.72 -20.53
CA ILE D 180 4.69 -22.68 -21.75
C ILE D 180 5.78 -23.74 -21.61
N TRP D 181 6.51 -23.73 -20.51
CA TRP D 181 7.67 -24.64 -20.38
C TRP D 181 7.21 -26.09 -20.22
N THR D 182 6.12 -26.36 -19.51
CA THR D 182 5.57 -27.73 -19.37
C THR D 182 5.15 -28.23 -20.76
N MET D 183 4.46 -27.41 -21.52
CA MET D 183 4.01 -27.82 -22.86
C MET D 183 5.23 -28.02 -23.76
N ALA D 184 6.21 -27.15 -23.68
CA ALA D 184 7.44 -27.28 -24.50
C ALA D 184 8.16 -28.60 -24.18
N ILE D 185 8.34 -28.91 -22.90
CA ILE D 185 9.07 -30.14 -22.50
C ILE D 185 8.26 -31.36 -22.89
N VAL D 186 6.95 -31.34 -22.67
CA VAL D 186 6.15 -32.53 -23.02
C VAL D 186 6.15 -32.70 -24.55
N MET D 187 6.11 -31.60 -25.30
CA MET D 187 6.11 -31.68 -26.78
C MET D 187 7.47 -32.18 -27.31
N GLY D 188 8.56 -31.80 -26.64
CA GLY D 188 9.90 -32.25 -27.06
C GLY D 188 10.20 -33.67 -26.60
N ALA D 189 9.45 -34.19 -25.63
CA ALA D 189 9.70 -35.53 -25.09
C ALA D 189 8.75 -36.58 -25.68
N ILE D 190 7.52 -36.23 -26.08
CA ILE D 190 6.55 -37.21 -26.63
C ILE D 190 7.16 -38.06 -27.75
N PRO D 191 7.80 -37.49 -28.80
CA PRO D 191 8.42 -38.33 -29.83
C PRO D 191 9.62 -39.11 -29.29
N SER D 192 10.34 -38.56 -28.30
CA SER D 192 11.51 -39.21 -27.66
C SER D 192 11.09 -40.46 -26.88
N VAL D 193 9.81 -40.64 -26.64
CA VAL D 193 9.34 -41.75 -25.77
C VAL D 193 8.48 -42.67 -26.61
N GLY D 194 7.32 -42.17 -27.07
CA GLY D 194 6.18 -42.99 -27.53
C GLY D 194 5.81 -42.74 -28.98
N TRP D 195 5.82 -41.49 -29.42
CA TRP D 195 5.15 -41.08 -30.68
C TRP D 195 6.19 -40.98 -31.78
N ASN D 196 6.62 -42.13 -32.28
CA ASN D 196 7.64 -42.18 -33.35
C ASN D 196 7.57 -43.52 -34.07
N CYS D 197 8.31 -43.63 -35.17
CA CYS D 197 8.15 -44.78 -36.10
C CYS D 197 9.21 -45.83 -35.82
N ILE D 198 9.66 -45.96 -34.58
CA ILE D 198 10.37 -47.18 -34.15
C ILE D 198 9.50 -48.41 -34.47
N CYS D 199 8.19 -48.29 -34.47
CA CYS D 199 7.30 -49.47 -34.62
C CYS D 199 6.67 -49.54 -36.02
N ASP D 200 6.41 -48.42 -36.70
CA ASP D 200 5.89 -48.45 -38.09
C ASP D 200 6.90 -47.78 -39.01
N ILE D 201 7.76 -48.59 -39.61
CA ILE D 201 8.78 -48.11 -40.57
C ILE D 201 8.07 -47.48 -41.77
N GLU D 202 7.01 -48.11 -42.29
CA GLU D 202 6.33 -47.68 -43.54
C GLU D 202 5.72 -46.28 -43.34
N ASN D 203 5.01 -46.07 -42.22
CA ASN D 203 4.24 -44.82 -41.99
C ASN D 203 5.04 -43.87 -41.10
N CYS D 204 6.09 -43.24 -41.63
CA CYS D 204 6.72 -42.07 -40.98
C CYS D 204 7.49 -41.23 -41.98
N SER D 205 7.89 -40.06 -41.47
CA SER D 205 8.54 -39.03 -42.28
C SER D 205 9.63 -39.30 -43.22
N ASN D 206 9.79 -38.34 -44.10
CA ASN D 206 10.92 -38.46 -45.05
C ASN D 206 12.14 -37.73 -44.52
N MET D 207 11.95 -36.64 -43.76
CA MET D 207 13.08 -35.78 -43.34
C MET D 207 13.60 -36.22 -41.99
N ALA D 208 12.73 -36.28 -40.99
CA ALA D 208 13.02 -36.94 -39.70
C ALA D 208 12.68 -38.40 -39.96
N PRO D 209 13.70 -39.28 -40.16
CA PRO D 209 13.39 -40.67 -40.51
C PRO D 209 12.62 -41.41 -39.40
N LEU D 210 12.63 -40.91 -38.16
CA LEU D 210 12.00 -41.63 -37.03
C LEU D 210 10.72 -40.97 -36.54
N TYR D 211 10.58 -39.65 -36.57
CA TYR D 211 9.28 -39.06 -36.19
C TYR D 211 8.24 -39.52 -37.21
N SER D 212 7.00 -39.60 -36.78
CA SER D 212 5.93 -40.09 -37.66
C SER D 212 5.17 -38.93 -38.31
N ASP D 213 4.48 -39.25 -39.39
CA ASP D 213 3.60 -38.30 -40.11
C ASP D 213 2.57 -37.74 -39.12
N SER D 214 2.08 -38.57 -38.21
CA SER D 214 1.15 -38.13 -37.17
C SER D 214 1.81 -37.01 -36.34
N TYR D 215 3.03 -37.20 -35.88
CA TYR D 215 3.69 -36.19 -35.03
C TYR D 215 3.96 -34.92 -35.81
N LEU D 216 4.37 -35.03 -37.08
CA LEU D 216 4.68 -33.82 -37.86
C LEU D 216 3.38 -33.05 -38.12
N VAL D 217 2.31 -33.75 -38.49
CA VAL D 217 1.01 -33.08 -38.66
C VAL D 217 0.65 -32.36 -37.35
N PHE D 218 0.77 -33.05 -36.23
CA PHE D 218 0.39 -32.48 -34.91
C PHE D 218 1.17 -31.19 -34.69
N TRP D 219 2.48 -31.24 -34.86
CA TRP D 219 3.33 -30.07 -34.52
C TRP D 219 2.96 -28.92 -35.44
N ALA D 220 2.81 -29.21 -36.73
CA ALA D 220 2.58 -28.13 -37.70
C ALA D 220 1.16 -27.53 -37.52
N ILE D 221 0.12 -28.32 -37.25
CA ILE D 221 -1.24 -27.77 -36.98
C ILE D 221 -1.24 -27.02 -35.65
N PHE D 222 -0.47 -27.47 -34.70
CA PHE D 222 -0.34 -26.74 -33.42
C PHE D 222 0.22 -25.35 -33.71
N ASN D 223 1.30 -25.27 -34.49
CA ASN D 223 1.92 -23.97 -34.83
C ASN D 223 0.96 -23.12 -35.69
N LEU D 224 0.24 -23.75 -36.60
CA LEU D 224 -0.70 -23.03 -37.48
C LEU D 224 -1.83 -22.40 -36.65
N VAL D 225 -2.41 -23.16 -35.75
CA VAL D 225 -3.52 -22.61 -34.93
C VAL D 225 -2.93 -21.56 -33.97
N THR D 226 -1.73 -21.75 -33.49
CA THR D 226 -1.11 -20.71 -32.65
C THR D 226 -0.99 -19.40 -33.44
N PHE D 227 -0.54 -19.48 -34.68
CA PHE D 227 -0.38 -18.27 -35.52
C PHE D 227 -1.74 -17.64 -35.80
N VAL D 228 -2.78 -18.43 -36.08
CA VAL D 228 -4.11 -17.80 -36.36
C VAL D 228 -4.68 -17.22 -35.07
N VAL D 229 -4.36 -17.80 -33.94
CA VAL D 229 -4.79 -17.17 -32.67
C VAL D 229 -4.09 -15.83 -32.48
N MET D 230 -2.79 -15.75 -32.76
CA MET D 230 -2.07 -14.46 -32.63
C MET D 230 -2.66 -13.48 -33.64
N VAL D 231 -3.03 -13.92 -34.83
CA VAL D 231 -3.60 -13.00 -35.86
C VAL D 231 -4.95 -12.47 -35.37
N VAL D 232 -5.84 -13.23 -34.74
CA VAL D 232 -7.18 -12.72 -34.33
C VAL D 232 -7.02 -11.80 -33.13
N LEU D 233 -6.14 -12.12 -32.21
CA LEU D 233 -5.97 -11.27 -31.02
C LEU D 233 -5.46 -9.89 -31.44
N TYR D 234 -4.44 -9.83 -32.25
CA TYR D 234 -3.90 -8.52 -32.62
C TYR D 234 -4.89 -7.78 -33.51
N ALA D 235 -5.68 -8.47 -34.32
CA ALA D 235 -6.75 -7.81 -35.09
C ALA D 235 -7.82 -7.23 -34.14
N HIS D 236 -8.16 -7.92 -33.09
CA HIS D 236 -9.11 -7.39 -32.10
C HIS D 236 -8.51 -6.16 -31.40
N ILE D 237 -7.24 -6.22 -31.05
CA ILE D 237 -6.57 -5.05 -30.45
C ILE D 237 -6.63 -3.87 -31.42
N PHE D 238 -6.30 -4.07 -32.67
CA PHE D 238 -6.30 -2.95 -33.64
C PHE D 238 -7.72 -2.42 -33.82
N GLY D 239 -8.71 -3.29 -33.92
CA GLY D 239 -10.10 -2.86 -34.11
C GLY D 239 -10.59 -2.06 -32.91
N TYR D 240 -10.32 -2.55 -31.73
CA TYR D 240 -10.73 -1.85 -30.48
C TYR D 240 -10.07 -0.47 -30.43
N VAL D 241 -8.77 -0.40 -30.62
CA VAL D 241 -8.05 0.89 -30.54
C VAL D 241 -8.58 1.83 -31.62
N ARG D 242 -8.77 1.31 -32.82
CA ARG D 242 -9.32 2.11 -33.94
C ARG D 242 -10.64 2.73 -33.53
N GLN D 243 -11.59 1.91 -33.18
CA GLN D 243 -12.96 2.40 -32.90
C GLN D 243 -12.89 3.44 -31.77
N ARG D 244 -12.27 3.09 -30.65
CA ARG D 244 -12.40 3.91 -29.44
C ARG D 244 -11.61 5.21 -29.59
N THR D 245 -10.39 5.13 -30.08
CA THR D 245 -9.57 6.36 -30.16
C THR D 245 -10.02 7.22 -31.36
N MET D 246 -10.58 6.62 -32.41
CA MET D 246 -11.07 7.42 -33.57
C MET D 246 -12.42 8.07 -33.21
N ARG D 247 -13.13 7.49 -32.24
CA ARG D 247 -14.35 8.16 -31.71
C ARG D 247 -13.95 9.55 -31.20
N MET D 248 -12.80 9.66 -30.54
CA MET D 248 -12.25 10.96 -30.09
C MET D 248 -11.84 11.80 -31.31
N ASP D 260 1.18 9.99 -34.59
CA ASP D 260 -0.17 9.35 -34.56
C ASP D 260 -0.04 7.91 -34.08
N THR D 261 -0.95 7.48 -33.22
CA THR D 261 -0.92 6.13 -32.60
C THR D 261 -1.28 5.05 -33.62
N MET D 262 -2.11 5.36 -34.58
CA MET D 262 -2.56 4.33 -35.57
C MET D 262 -1.36 3.84 -36.38
N MET D 263 -0.49 4.74 -36.81
CA MET D 263 0.65 4.34 -37.65
C MET D 263 1.57 3.46 -36.80
N SER D 264 1.90 3.87 -35.59
CA SER D 264 2.82 3.08 -34.74
C SER D 264 2.22 1.70 -34.44
N LEU D 265 0.94 1.67 -34.10
CA LEU D 265 0.28 0.39 -33.78
C LEU D 265 0.28 -0.51 -35.01
N LEU D 266 -0.10 -0.01 -36.17
CA LEU D 266 -0.19 -0.87 -37.37
C LEU D 266 1.22 -1.31 -37.79
N LYS D 267 2.22 -0.45 -37.68
CA LYS D 267 3.62 -0.86 -37.97
C LYS D 267 4.04 -2.00 -37.04
N THR D 268 3.81 -1.85 -35.75
CA THR D 268 4.24 -2.88 -34.78
C THR D 268 3.47 -4.17 -35.04
N VAL D 269 2.18 -4.09 -35.25
CA VAL D 269 1.39 -5.31 -35.47
C VAL D 269 1.86 -5.99 -36.73
N VAL D 270 2.05 -5.25 -37.79
CA VAL D 270 2.40 -5.85 -39.10
C VAL D 270 3.78 -6.46 -38.98
N ILE D 271 4.72 -5.81 -38.33
CA ILE D 271 6.08 -6.43 -38.26
C ILE D 271 6.08 -7.66 -37.33
N VAL D 272 5.28 -7.76 -36.30
CA VAL D 272 5.22 -8.93 -35.37
C VAL D 272 4.61 -10.14 -36.09
N LEU D 273 3.51 -9.98 -36.81
CA LEU D 273 2.95 -11.12 -37.54
C LEU D 273 3.86 -11.49 -38.74
N GLY D 274 4.53 -10.55 -39.35
CA GLY D 274 5.31 -10.80 -40.57
C GLY D 274 6.55 -11.58 -40.26
N ALA D 275 7.22 -11.28 -39.15
CA ALA D 275 8.40 -12.09 -38.75
C ALA D 275 7.97 -13.56 -38.69
N PHE D 276 6.91 -13.80 -37.96
CA PHE D 276 6.38 -15.17 -37.80
C PHE D 276 6.02 -15.78 -39.15
N ILE D 277 5.31 -15.07 -39.99
CA ILE D 277 4.82 -15.70 -41.26
C ILE D 277 5.99 -16.01 -42.20
N ILE D 278 6.92 -15.07 -42.33
CA ILE D 278 8.07 -15.27 -43.28
C ILE D 278 9.12 -16.19 -42.68
N CYS D 279 9.05 -16.52 -41.40
CA CYS D 279 10.02 -17.48 -40.82
C CYS D 279 9.39 -18.82 -40.46
N TRP D 280 8.07 -18.97 -40.61
CA TRP D 280 7.42 -20.25 -40.25
C TRP D 280 6.70 -20.87 -41.42
N THR D 281 6.02 -20.07 -42.24
CA THR D 281 5.16 -20.64 -43.29
C THR D 281 5.99 -21.59 -44.15
N PRO D 282 7.22 -21.22 -44.57
CA PRO D 282 8.10 -22.17 -45.24
C PRO D 282 8.14 -23.54 -44.55
N GLY D 283 8.58 -23.56 -43.28
CA GLY D 283 8.81 -24.80 -42.52
C GLY D 283 7.52 -25.58 -42.41
N LEU D 284 6.43 -24.90 -42.07
CA LEU D 284 5.17 -25.61 -41.81
C LEU D 284 4.60 -26.21 -43.10
N VAL D 285 4.66 -25.46 -44.20
CA VAL D 285 4.14 -25.97 -45.49
C VAL D 285 5.04 -27.13 -45.94
N LEU D 286 6.33 -27.02 -45.70
CA LEU D 286 7.32 -28.10 -46.04
C LEU D 286 6.93 -29.35 -45.26
N LEU D 287 6.64 -29.25 -43.95
CA LEU D 287 6.32 -30.45 -43.16
C LEU D 287 4.98 -31.05 -43.62
N LEU D 288 4.00 -30.21 -43.89
CA LEU D 288 2.71 -30.71 -44.39
C LEU D 288 2.94 -31.41 -45.73
N LEU D 289 3.81 -30.87 -46.60
CA LEU D 289 4.08 -31.51 -47.90
C LEU D 289 4.63 -32.89 -47.63
N ASP D 290 5.58 -32.98 -46.71
CA ASP D 290 6.24 -34.28 -46.39
C ASP D 290 5.18 -35.29 -45.97
N VAL D 291 4.24 -34.87 -45.15
CA VAL D 291 3.30 -35.83 -44.54
C VAL D 291 2.08 -36.05 -45.44
N CYS D 292 1.85 -35.23 -46.46
CA CYS D 292 0.62 -35.35 -47.28
C CYS D 292 0.95 -35.79 -48.70
N CYS D 293 1.87 -35.12 -49.38
CA CYS D 293 2.15 -35.38 -50.81
C CYS D 293 3.27 -36.41 -50.90
N PRO D 294 3.03 -37.58 -51.52
CA PRO D 294 4.13 -38.43 -51.96
C PRO D 294 4.79 -37.87 -53.23
N GLN D 295 6.09 -38.09 -53.38
CA GLN D 295 6.86 -37.75 -54.61
C GLN D 295 6.97 -36.24 -54.71
N CYS D 296 6.69 -35.49 -53.65
CA CYS D 296 7.05 -34.05 -53.59
C CYS D 296 8.43 -33.97 -52.98
N ASP D 297 9.44 -33.67 -53.79
CA ASP D 297 10.85 -33.64 -53.36
C ASP D 297 10.98 -32.46 -52.40
N VAL D 298 10.85 -32.76 -51.12
CA VAL D 298 10.77 -31.73 -50.04
C VAL D 298 12.04 -31.72 -49.19
N LEU D 299 12.90 -32.71 -49.35
CA LEU D 299 14.15 -32.76 -48.55
C LEU D 299 15.10 -31.67 -49.03
N ALA D 300 14.91 -31.16 -50.24
CA ALA D 300 15.89 -30.30 -50.91
C ALA D 300 16.05 -29.00 -50.12
N TYR D 301 14.96 -28.40 -49.68
CA TYR D 301 15.00 -27.04 -49.07
C TYR D 301 14.84 -27.12 -47.56
N GLU D 302 15.40 -28.16 -46.93
CA GLU D 302 15.10 -28.45 -45.51
C GLU D 302 16.14 -27.75 -44.64
N LYS D 303 17.39 -27.90 -45.00
CA LYS D 303 18.52 -27.46 -44.16
C LYS D 303 18.52 -25.92 -44.08
N PHE D 304 17.97 -25.23 -45.08
CA PHE D 304 17.90 -23.75 -45.08
C PHE D 304 16.62 -23.26 -44.40
N PHE D 305 15.53 -24.01 -44.52
CA PHE D 305 14.27 -23.62 -43.87
C PHE D 305 14.43 -23.73 -42.36
N LEU D 306 15.18 -24.72 -41.88
CA LEU D 306 15.46 -24.78 -40.43
C LEU D 306 16.28 -23.56 -40.02
N LEU D 307 17.22 -23.15 -40.84
CA LEU D 307 18.02 -21.95 -40.56
C LEU D 307 17.10 -20.75 -40.47
N LEU D 308 16.10 -20.67 -41.34
CA LEU D 308 15.11 -19.56 -41.30
C LEU D 308 14.31 -19.60 -39.99
N ALA D 309 13.89 -20.79 -39.57
CA ALA D 309 13.12 -20.95 -38.32
C ALA D 309 13.98 -20.49 -37.11
N GLU D 310 15.25 -20.73 -37.14
CA GLU D 310 16.14 -20.26 -36.05
C GLU D 310 16.43 -18.77 -36.22
N PHE D 311 16.45 -18.26 -37.45
CA PHE D 311 16.58 -16.81 -37.69
C PHE D 311 15.38 -16.07 -37.09
N ASN D 312 14.23 -16.73 -37.01
CA ASN D 312 13.07 -16.14 -36.30
C ASN D 312 13.44 -15.81 -34.87
N SER D 313 13.94 -16.79 -34.16
CA SER D 313 14.38 -16.60 -32.76
C SER D 313 15.55 -15.61 -32.72
N ALA D 314 16.33 -15.50 -33.79
CA ALA D 314 17.39 -14.46 -33.88
C ALA D 314 16.75 -13.06 -33.88
N MET D 315 15.69 -12.87 -34.66
CA MET D 315 15.03 -11.53 -34.82
C MET D 315 14.15 -11.20 -33.62
N ASN D 316 13.62 -12.19 -32.90
CA ASN D 316 12.67 -11.93 -31.78
C ASN D 316 13.16 -10.93 -30.70
N PRO D 317 14.34 -11.04 -30.04
CA PRO D 317 14.83 -10.05 -29.07
C PRO D 317 14.82 -8.60 -29.58
N ILE D 318 15.04 -8.40 -30.88
CA ILE D 318 15.09 -7.02 -31.44
C ILE D 318 13.74 -6.57 -31.97
N ILE D 319 12.85 -7.48 -32.35
CA ILE D 319 11.46 -7.08 -32.69
C ILE D 319 10.74 -6.63 -31.42
N TYR D 320 11.02 -7.28 -30.31
CA TYR D 320 10.31 -7.02 -29.03
C TYR D 320 11.10 -6.06 -28.15
N SER D 321 12.13 -5.42 -28.67
CA SER D 321 12.89 -4.41 -27.88
C SER D 321 13.19 -3.15 -28.69
N TYR D 322 12.84 -3.08 -29.97
CA TYR D 322 13.19 -1.88 -30.77
C TYR D 322 12.27 -0.72 -30.41
N ARG D 323 11.03 -1.00 -30.05
CA ARG D 323 10.04 0.07 -29.85
C ARG D 323 10.27 0.76 -28.52
N ASP D 324 10.57 -0.01 -27.48
CA ASP D 324 10.70 0.54 -26.14
C ASP D 324 11.91 1.41 -26.07
N LYS D 325 11.78 2.69 -26.34
CA LYS D 325 12.96 3.53 -26.37
C LYS D 325 13.80 3.30 -25.14
N GLU D 326 13.19 3.38 -23.97
CA GLU D 326 13.99 3.28 -22.75
C GLU D 326 14.82 2.01 -22.69
N MET D 327 14.17 0.86 -22.81
CA MET D 327 14.87 -0.42 -22.70
C MET D 327 15.90 -0.59 -23.80
N SER D 328 15.58 -0.09 -24.99
CA SER D 328 16.49 -0.20 -26.10
C SER D 328 17.78 0.56 -25.81
N ALA D 329 17.62 1.76 -25.29
CA ALA D 329 18.78 2.55 -24.97
C ALA D 329 19.55 1.89 -23.83
N THR D 330 18.83 1.31 -22.88
CA THR D 330 19.46 0.65 -21.77
C THR D 330 20.58 -0.22 -22.30
N PHE D 331 20.57 -0.41 -23.61
CA PHE D 331 21.61 -1.27 -24.23
C PHE D 331 22.98 -0.59 -24.18
N ARG D 332 23.88 -1.14 -23.38
CA ARG D 332 25.23 -0.56 -23.14
C ARG D 332 26.18 -1.69 -22.70
N VAL E 2 -26.36 -5.32 23.32
CA VAL E 2 -25.17 -6.23 23.19
C VAL E 2 -25.57 -7.59 23.76
N GLN E 3 -26.86 -7.79 23.94
CA GLN E 3 -27.36 -9.03 24.54
C GLN E 3 -27.14 -10.19 23.56
N LEU E 4 -26.97 -11.38 24.11
CA LEU E 4 -26.93 -12.65 23.34
C LEU E 4 -27.99 -13.56 23.93
N VAL E 5 -28.85 -14.07 23.07
CA VAL E 5 -29.91 -15.03 23.50
C VAL E 5 -29.84 -16.25 22.61
N GLU E 6 -30.03 -17.42 23.21
CA GLU E 6 -30.01 -18.70 22.45
C GLU E 6 -31.40 -19.33 22.52
N SER E 7 -31.72 -20.14 21.52
CA SER E 7 -33.03 -20.81 21.39
C SER E 7 -32.83 -22.30 21.21
N GLY E 8 -33.79 -23.08 21.70
CA GLY E 8 -33.77 -24.54 21.59
C GLY E 8 -33.84 -25.21 22.95
N GLY E 9 -33.09 -26.28 23.14
CA GLY E 9 -33.04 -27.00 24.42
C GLY E 9 -34.34 -27.73 24.68
N GLY E 10 -34.77 -27.73 25.95
CA GLY E 10 -35.97 -28.44 26.40
C GLY E 10 -35.72 -29.92 26.61
N LEU E 11 -36.72 -30.75 26.28
CA LEU E 11 -36.68 -32.19 26.56
C LEU E 11 -36.55 -32.95 25.25
N VAL E 12 -35.53 -33.80 25.16
CA VAL E 12 -35.27 -34.61 23.94
C VAL E 12 -34.96 -36.04 24.37
N GLN E 13 -35.56 -36.99 23.69
CA GLN E 13 -35.24 -38.43 23.91
C GLN E 13 -33.83 -38.69 23.39
N PRO E 14 -33.11 -39.66 23.99
CA PRO E 14 -31.75 -39.95 23.56
C PRO E 14 -31.71 -40.46 22.11
N GLY E 15 -30.68 -40.04 21.38
CA GLY E 15 -30.51 -40.41 19.97
C GLY E 15 -31.15 -39.39 19.03
N GLY E 16 -32.03 -38.52 19.53
CA GLY E 16 -32.62 -37.46 18.71
C GLY E 16 -31.60 -36.40 18.35
N SER E 17 -31.81 -35.71 17.25
CA SER E 17 -30.92 -34.62 16.78
C SER E 17 -31.66 -33.30 16.92
N ARG E 18 -31.15 -32.41 17.77
CA ARG E 18 -31.76 -31.08 17.96
C ARG E 18 -30.77 -29.97 17.62
N LYS E 19 -31.31 -28.80 17.30
CA LYS E 19 -30.52 -27.64 16.84
C LYS E 19 -30.64 -26.50 17.83
N LEU E 20 -29.51 -25.87 18.14
CA LEU E 20 -29.49 -24.67 19.01
C LEU E 20 -29.11 -23.46 18.17
N SER E 21 -29.92 -22.42 18.24
CA SER E 21 -29.70 -21.15 17.52
C SER E 21 -29.53 -20.03 18.53
N CYS E 22 -28.45 -19.27 18.38
CA CYS E 22 -28.15 -18.12 19.25
C CYS E 22 -28.16 -16.86 18.41
N SER E 23 -29.18 -16.02 18.57
CA SER E 23 -29.37 -14.80 17.76
C SER E 23 -28.60 -13.66 18.43
N ALA E 24 -27.45 -13.30 17.87
CA ALA E 24 -26.67 -12.14 18.32
C ALA E 24 -27.40 -10.87 17.95
N SER E 25 -27.34 -9.88 18.82
CA SER E 25 -28.03 -8.58 18.60
C SER E 25 -27.29 -7.49 19.32
N GLY E 26 -26.89 -6.45 18.61
CA GLY E 26 -26.38 -5.22 19.26
C GLY E 26 -24.88 -5.09 19.20
N PHE E 27 -24.19 -5.91 18.42
CA PHE E 27 -22.72 -5.80 18.27
C PHE E 27 -22.34 -6.37 16.92
N ALA E 28 -21.08 -6.13 16.56
CA ALA E 28 -20.54 -6.57 15.24
C ALA E 28 -20.33 -8.08 15.29
N PHE E 29 -21.36 -8.85 15.00
CA PHE E 29 -21.30 -10.33 15.10
C PHE E 29 -20.36 -10.92 14.05
N SER E 30 -20.21 -10.27 12.91
CA SER E 30 -19.42 -10.86 11.79
C SER E 30 -17.93 -10.95 12.14
N SER E 31 -17.45 -10.19 13.12
CA SER E 31 -16.01 -10.11 13.44
C SER E 31 -15.72 -10.70 14.82
N PHE E 32 -16.63 -11.52 15.34
CA PHE E 32 -16.45 -12.14 16.67
C PHE E 32 -16.33 -13.64 16.50
N GLY E 33 -15.25 -14.21 17.02
CA GLY E 33 -15.13 -15.67 17.19
C GLY E 33 -16.04 -16.16 18.29
N MET E 34 -16.96 -17.07 17.98
CA MET E 34 -17.95 -17.52 18.98
C MET E 34 -17.53 -18.91 19.52
N HIS E 35 -17.98 -19.19 20.71
CA HIS E 35 -17.77 -20.48 21.39
C HIS E 35 -19.12 -21.07 21.79
N TRP E 36 -19.08 -22.27 22.30
CA TRP E 36 -20.19 -22.82 23.12
C TRP E 36 -19.56 -23.43 24.36
N VAL E 37 -20.16 -23.18 25.50
CA VAL E 37 -19.69 -23.74 26.78
C VAL E 37 -20.92 -24.29 27.47
N ARG E 38 -20.83 -25.52 27.95
CA ARG E 38 -21.96 -26.16 28.63
C ARG E 38 -21.60 -26.36 30.10
N GLN E 39 -22.63 -26.29 30.93
CA GLN E 39 -22.48 -26.51 32.38
C GLN E 39 -23.46 -27.59 32.78
N ALA E 40 -22.96 -28.67 33.36
CA ALA E 40 -23.83 -29.75 33.85
C ALA E 40 -24.66 -29.22 35.02
N PRO E 41 -25.87 -29.79 35.24
CA PRO E 41 -26.74 -29.33 36.31
C PRO E 41 -26.09 -29.22 37.70
N GLU E 42 -25.13 -30.08 37.98
CA GLU E 42 -24.44 -30.06 39.30
C GLU E 42 -22.93 -29.82 39.15
N LYS E 43 -22.39 -29.89 37.95
CA LYS E 43 -20.93 -29.84 37.74
C LYS E 43 -20.54 -28.49 37.15
N GLY E 44 -19.25 -28.32 36.85
CA GLY E 44 -18.70 -27.07 36.35
C GLY E 44 -18.86 -26.90 34.85
N LEU E 45 -18.15 -25.91 34.32
CA LEU E 45 -18.20 -25.60 32.88
C LEU E 45 -17.38 -26.61 32.09
N GLU E 46 -17.62 -26.64 30.78
CA GLU E 46 -16.90 -27.55 29.87
C GLU E 46 -17.03 -27.00 28.45
N TRP E 47 -15.91 -26.72 27.83
CA TRP E 47 -15.89 -26.18 26.45
C TRP E 47 -16.31 -27.26 25.46
N VAL E 48 -17.02 -26.88 24.41
CA VAL E 48 -17.45 -27.89 23.41
C VAL E 48 -17.02 -27.52 22.01
N ALA E 49 -17.24 -26.30 21.58
CA ALA E 49 -17.04 -25.91 20.17
C ALA E 49 -16.43 -24.53 20.06
N TYR E 50 -16.11 -24.14 18.83
CA TYR E 50 -15.59 -22.80 18.51
C TYR E 50 -15.58 -22.55 17.02
N ILE E 51 -15.94 -21.36 16.62
CA ILE E 51 -15.78 -20.89 15.23
C ILE E 51 -15.03 -19.56 15.22
N SER E 52 -14.08 -19.43 14.33
CA SER E 52 -13.31 -18.20 14.15
C SER E 52 -14.16 -17.20 13.39
N SER E 53 -13.58 -16.05 13.09
CA SER E 53 -14.28 -15.00 12.29
C SER E 53 -14.31 -15.44 10.83
N GLY E 54 -15.52 -15.43 10.26
CA GLY E 54 -15.78 -15.83 8.87
C GLY E 54 -15.70 -17.33 8.65
N SER E 55 -15.91 -18.12 9.70
CA SER E 55 -16.00 -19.59 9.62
C SER E 55 -14.72 -20.18 9.05
N GLY E 56 -13.59 -19.60 9.43
CA GLY E 56 -12.27 -20.01 8.93
C GLY E 56 -11.67 -21.16 9.71
N THR E 57 -12.18 -21.44 10.90
CA THR E 57 -11.52 -22.37 11.84
C THR E 57 -12.54 -22.89 12.81
N ILE E 58 -12.79 -24.19 12.78
CA ILE E 58 -13.83 -24.84 13.59
C ILE E 58 -13.17 -25.96 14.39
N TYR E 59 -13.30 -25.89 15.70
CA TYR E 59 -12.66 -26.84 16.65
C TYR E 59 -13.75 -27.52 17.49
N TYR E 60 -13.37 -28.60 18.17
CA TYR E 60 -14.37 -29.35 18.97
C TYR E 60 -13.71 -29.99 20.17
N ALA E 61 -14.55 -30.39 21.12
CA ALA E 61 -14.08 -31.10 22.33
C ALA E 61 -13.95 -32.59 22.02
N ASP E 62 -13.31 -33.32 22.92
CA ASP E 62 -13.10 -34.78 22.77
C ASP E 62 -14.45 -35.50 22.82
N THR E 63 -15.35 -35.10 23.69
CA THR E 63 -16.62 -35.82 23.90
C THR E 63 -17.63 -35.53 22.79
N VAL E 64 -17.39 -34.52 21.98
CA VAL E 64 -18.38 -34.09 20.96
C VAL E 64 -17.73 -34.06 19.58
N LYS E 65 -16.51 -34.55 19.44
CA LYS E 65 -15.84 -34.53 18.13
C LYS E 65 -16.67 -35.38 17.17
N GLY E 66 -16.96 -34.85 16.01
CA GLY E 66 -17.68 -35.60 14.96
C GLY E 66 -19.13 -35.82 15.32
N ARG E 67 -19.58 -35.41 16.51
CA ARG E 67 -20.99 -35.56 16.90
C ARG E 67 -21.75 -34.23 16.74
N PHE E 68 -21.07 -33.10 16.91
CA PHE E 68 -21.71 -31.76 16.83
C PHE E 68 -21.23 -31.04 15.58
N THR E 69 -22.14 -30.28 14.99
CA THR E 69 -21.82 -29.40 13.85
C THR E 69 -22.23 -27.99 14.23
N ILE E 70 -21.28 -27.07 14.11
CA ILE E 70 -21.47 -25.66 14.52
C ILE E 70 -21.35 -24.78 13.27
N SER E 71 -22.28 -23.86 13.13
CA SER E 71 -22.31 -22.97 11.96
C SER E 71 -22.79 -21.59 12.38
N ARG E 72 -22.38 -20.59 11.62
CA ARG E 72 -22.80 -19.20 11.85
C ARG E 72 -23.41 -18.63 10.58
N ASP E 73 -24.39 -17.76 10.77
CA ASP E 73 -25.06 -17.05 9.65
C ASP E 73 -24.87 -15.55 9.88
N ASP E 74 -23.77 -15.01 9.36
CA ASP E 74 -23.35 -13.62 9.62
C ASP E 74 -24.43 -12.61 9.21
N PRO E 75 -25.01 -12.70 8.00
CA PRO E 75 -26.02 -11.71 7.62
C PRO E 75 -27.22 -11.62 8.58
N LYS E 76 -27.63 -12.74 9.13
CA LYS E 76 -28.80 -12.77 10.05
C LYS E 76 -28.35 -12.61 11.51
N ASN E 77 -27.06 -12.52 11.78
CA ASN E 77 -26.51 -12.37 13.15
C ASN E 77 -27.04 -13.49 14.04
N THR E 78 -26.82 -14.72 13.61
CA THR E 78 -27.23 -15.91 14.37
C THR E 78 -26.06 -16.88 14.42
N LEU E 79 -26.06 -17.72 15.44
CA LEU E 79 -25.10 -18.84 15.56
C LEU E 79 -25.88 -20.13 15.76
N PHE E 80 -25.45 -21.19 15.08
CA PHE E 80 -26.18 -22.47 15.07
C PHE E 80 -25.30 -23.57 15.66
N LEU E 81 -25.95 -24.54 16.29
CA LEU E 81 -25.28 -25.79 16.72
C LEU E 81 -26.16 -26.97 16.33
N GLN E 82 -25.61 -27.87 15.52
CA GLN E 82 -26.33 -29.07 15.08
C GLN E 82 -25.83 -30.26 15.89
N MET E 83 -26.69 -30.79 16.75
CA MET E 83 -26.32 -31.90 17.62
C MET E 83 -26.87 -33.21 17.05
N THR E 84 -26.06 -34.25 17.10
CA THR E 84 -26.40 -35.57 16.50
C THR E 84 -26.31 -36.65 17.56
N SER E 85 -27.39 -37.41 17.72
CA SER E 85 -27.41 -38.63 18.56
C SER E 85 -26.97 -38.28 19.99
N LEU E 86 -27.79 -37.47 20.64
CA LEU E 86 -27.51 -37.03 22.02
C LEU E 86 -27.41 -38.22 22.95
N ARG E 87 -26.39 -38.22 23.80
CA ARG E 87 -26.20 -39.21 24.87
C ARG E 87 -26.74 -38.66 26.18
N SER E 88 -26.83 -39.52 27.18
CA SER E 88 -27.31 -39.13 28.54
C SER E 88 -26.32 -38.18 29.21
N GLU E 89 -25.08 -38.13 28.73
CA GLU E 89 -24.04 -37.27 29.34
C GLU E 89 -23.99 -35.91 28.65
N ASP E 90 -25.03 -35.53 27.93
CA ASP E 90 -25.08 -34.20 27.27
C ASP E 90 -26.13 -33.31 27.93
N THR E 91 -26.57 -33.65 29.13
CA THR E 91 -27.52 -32.80 29.88
C THR E 91 -26.73 -31.65 30.47
N ALA E 92 -26.92 -30.45 29.94
CA ALA E 92 -26.20 -29.27 30.44
C ALA E 92 -26.90 -28.00 29.96
N MET E 93 -26.59 -26.91 30.62
CA MET E 93 -26.99 -25.57 30.15
C MET E 93 -25.92 -25.08 29.16
N TYR E 94 -26.34 -24.76 27.95
CA TYR E 94 -25.43 -24.46 26.84
C TYR E 94 -25.34 -22.96 26.68
N TYR E 95 -24.34 -22.36 27.30
CA TYR E 95 -24.07 -20.92 27.12
C TYR E 95 -23.40 -20.71 25.77
N CYS E 96 -23.59 -19.52 25.24
CA CYS E 96 -22.92 -19.06 24.01
C CYS E 96 -22.02 -17.91 24.39
N VAL E 97 -20.76 -18.01 24.01
CA VAL E 97 -19.75 -16.99 24.38
C VAL E 97 -19.20 -16.36 23.12
N ARG E 98 -18.91 -15.07 23.20
CA ARG E 98 -18.25 -14.34 22.11
C ARG E 98 -16.83 -14.03 22.53
N SER E 99 -15.95 -13.99 21.56
CA SER E 99 -14.55 -13.65 21.82
C SER E 99 -13.88 -13.12 20.55
N ILE E 100 -13.07 -12.09 20.74
CA ILE E 100 -12.31 -11.51 19.62
C ILE E 100 -10.85 -11.53 19.99
N TYR E 101 -10.04 -11.96 19.03
CA TYR E 101 -8.59 -12.17 19.25
C TYR E 101 -7.85 -11.15 18.41
N TYR E 102 -7.30 -10.15 19.10
CA TYR E 102 -6.29 -9.23 18.53
C TYR E 102 -5.47 -8.68 19.66
N TYR E 103 -4.33 -8.06 19.33
CA TYR E 103 -3.35 -7.70 20.38
C TYR E 103 -4.03 -6.89 21.48
N GLY E 104 -4.14 -7.46 22.67
CA GLY E 104 -4.66 -6.73 23.83
C GLY E 104 -6.15 -6.91 24.01
N SER E 105 -6.80 -7.73 23.20
CA SER E 105 -8.27 -7.93 23.30
C SER E 105 -8.62 -8.71 24.58
N SER E 106 -9.92 -8.81 24.86
CA SER E 106 -10.44 -9.56 26.03
C SER E 106 -11.39 -10.65 25.53
N PRO E 107 -10.90 -11.86 25.20
CA PRO E 107 -11.78 -12.94 24.81
C PRO E 107 -12.67 -13.41 25.98
N PHE E 108 -13.78 -14.01 25.62
CA PHE E 108 -14.78 -14.56 26.57
C PHE E 108 -15.25 -13.45 27.49
N ASP E 109 -15.51 -12.28 26.93
CA ASP E 109 -15.93 -11.12 27.75
C ASP E 109 -17.45 -11.18 27.97
N PHE E 110 -18.20 -11.62 26.98
CA PHE E 110 -19.67 -11.59 27.12
C PHE E 110 -20.23 -12.98 26.93
N TRP E 111 -21.11 -13.37 27.84
CA TRP E 111 -21.73 -14.71 27.85
C TRP E 111 -23.23 -14.57 27.68
N GLY E 112 -23.80 -15.35 26.78
CA GLY E 112 -25.26 -15.48 26.62
C GLY E 112 -25.94 -15.98 27.88
N GLN E 113 -27.26 -16.01 27.85
CA GLN E 113 -28.04 -16.58 28.97
C GLN E 113 -28.09 -18.10 28.90
N GLY E 114 -27.78 -18.69 27.75
CA GLY E 114 -27.76 -20.15 27.60
C GLY E 114 -29.15 -20.75 27.61
N THR E 115 -29.24 -22.00 27.17
CA THR E 115 -30.49 -22.77 27.13
C THR E 115 -30.33 -24.05 27.94
N THR E 116 -31.43 -24.51 28.50
CA THR E 116 -31.48 -25.75 29.28
C THR E 116 -31.77 -26.91 28.33
N LEU E 117 -30.94 -27.94 28.37
CA LEU E 117 -31.14 -29.16 27.55
C LEU E 117 -31.05 -30.38 28.47
N THR E 118 -32.12 -31.15 28.52
CA THR E 118 -32.22 -32.33 29.40
C THR E 118 -32.62 -33.52 28.53
N VAL E 119 -31.67 -34.39 28.25
CA VAL E 119 -31.95 -35.61 27.45
C VAL E 119 -32.60 -36.63 28.38
N SER E 120 -33.70 -37.21 27.93
CA SER E 120 -34.45 -38.21 28.73
C SER E 120 -33.64 -39.48 28.89
N SER E 121 -33.93 -40.22 29.95
CA SER E 121 -33.32 -41.54 30.24
C SER E 121 -34.14 -42.28 31.29
N SER E 136 -2.53 -35.33 26.85
CA SER E 136 -2.17 -34.17 25.98
C SER E 136 -3.11 -33.00 26.26
N ASP E 137 -4.05 -33.17 27.18
CA ASP E 137 -5.03 -32.12 27.53
C ASP E 137 -4.66 -31.52 28.86
N ILE E 138 -4.57 -30.19 28.90
CA ILE E 138 -4.23 -29.49 30.16
C ILE E 138 -5.36 -29.73 31.15
N VAL E 139 -5.01 -29.99 32.40
CA VAL E 139 -6.02 -30.15 33.48
C VAL E 139 -5.78 -29.08 34.53
N MET E 140 -6.81 -28.30 34.80
CA MET E 140 -6.75 -27.24 35.81
C MET E 140 -7.41 -27.74 37.08
N THR E 141 -6.76 -27.51 38.19
CA THR E 141 -7.16 -28.12 39.48
C THR E 141 -7.25 -27.03 40.53
N GLN E 142 -8.41 -26.89 41.14
CA GLN E 142 -8.58 -26.06 42.35
C GLN E 142 -9.40 -26.85 43.35
N ALA E 143 -8.82 -27.11 44.52
CA ALA E 143 -9.37 -28.04 45.52
C ALA E 143 -10.10 -27.28 46.62
N THR E 144 -10.54 -26.06 46.34
CA THR E 144 -11.30 -25.23 47.29
C THR E 144 -12.74 -25.14 46.81
N SER E 145 -13.67 -25.45 47.69
CA SER E 145 -15.11 -25.42 47.37
C SER E 145 -15.88 -25.03 48.62
N SER E 146 -16.91 -24.22 48.45
CA SER E 146 -17.80 -23.77 49.55
C SER E 146 -16.97 -23.12 50.66
N VAL E 147 -15.99 -22.31 50.26
CA VAL E 147 -15.11 -21.62 51.23
C VAL E 147 -15.94 -20.56 51.96
N PRO E 148 -15.95 -20.56 53.32
CA PRO E 148 -16.67 -19.53 54.05
C PRO E 148 -15.92 -18.20 54.03
N VAL E 149 -16.65 -17.11 53.87
CA VAL E 149 -16.07 -15.75 53.83
C VAL E 149 -17.13 -14.76 54.30
N THR E 150 -16.68 -13.64 54.85
CA THR E 150 -17.55 -12.57 55.36
C THR E 150 -17.32 -11.30 54.54
N PRO E 151 -18.34 -10.48 54.32
CA PRO E 151 -18.16 -9.21 53.61
C PRO E 151 -17.22 -8.27 54.39
N GLY E 152 -16.35 -7.60 53.64
CA GLY E 152 -15.35 -6.66 54.18
C GLY E 152 -14.02 -7.32 54.49
N GLU E 153 -13.91 -8.65 54.36
CA GLU E 153 -12.62 -9.33 54.58
C GLU E 153 -11.89 -9.50 53.24
N SER E 154 -10.65 -9.96 53.30
CA SER E 154 -9.82 -10.24 52.11
C SER E 154 -9.75 -11.75 51.90
N VAL E 155 -10.09 -12.21 50.71
CA VAL E 155 -10.12 -13.65 50.38
C VAL E 155 -9.27 -13.87 49.14
N SER E 156 -8.55 -14.97 49.13
CA SER E 156 -7.68 -15.38 48.00
C SER E 156 -8.13 -16.75 47.51
N ILE E 157 -8.25 -16.89 46.19
CA ILE E 157 -8.63 -18.17 45.55
C ILE E 157 -7.45 -18.63 44.73
N SER E 158 -6.99 -19.84 45.00
CA SER E 158 -5.77 -20.40 44.39
C SER E 158 -6.15 -21.39 43.29
N CYS E 159 -5.35 -21.40 42.24
CA CYS E 159 -5.53 -22.33 41.11
C CYS E 159 -4.19 -22.96 40.76
N ARG E 160 -4.25 -24.18 40.25
CA ARG E 160 -3.04 -24.91 39.83
C ARG E 160 -3.27 -25.51 38.45
N SER E 161 -2.25 -25.47 37.63
CA SER E 161 -2.25 -26.07 36.28
C SER E 161 -1.31 -27.27 36.25
N SER E 162 -1.46 -28.09 35.21
CA SER E 162 -0.58 -29.27 34.96
C SER E 162 0.46 -28.94 33.91
N LYS E 163 0.55 -27.70 33.47
CA LYS E 163 1.44 -27.32 32.35
C LYS E 163 1.80 -25.86 32.52
N SER E 164 2.99 -25.49 32.06
CA SER E 164 3.43 -24.07 32.14
C SER E 164 2.59 -23.26 31.14
N LEU E 165 1.63 -22.50 31.66
CA LEU E 165 0.79 -21.64 30.79
C LEU E 165 1.58 -20.42 30.29
N LEU E 166 2.69 -20.06 30.96
CA LEU E 166 3.51 -18.93 30.53
C LEU E 166 4.09 -19.26 29.16
N HIS E 167 3.56 -18.64 28.12
CA HIS E 167 4.05 -18.85 26.74
C HIS E 167 5.41 -18.15 26.58
N SER E 168 6.02 -18.37 25.42
CA SER E 168 7.35 -17.78 25.10
C SER E 168 7.30 -16.25 25.16
N ASN E 169 6.24 -15.66 24.62
CA ASN E 169 6.13 -14.19 24.53
C ASN E 169 5.88 -13.57 25.90
N GLY E 170 5.53 -14.37 26.92
CA GLY E 170 5.29 -13.85 28.27
C GLY E 170 3.82 -13.76 28.62
N ASN E 171 2.94 -14.27 27.77
CA ASN E 171 1.49 -14.24 28.04
C ASN E 171 1.10 -15.51 28.78
N THR E 172 0.66 -15.39 30.02
CA THR E 172 0.09 -16.53 30.76
C THR E 172 -1.40 -16.64 30.45
N TYR E 173 -1.76 -17.41 29.44
CA TYR E 173 -3.14 -17.51 28.97
C TYR E 173 -4.02 -18.21 30.00
N LEU E 174 -4.14 -17.61 31.18
CA LEU E 174 -5.08 -18.09 32.20
C LEU E 174 -6.16 -17.03 32.41
N TYR E 175 -7.40 -17.45 32.39
CA TYR E 175 -8.55 -16.55 32.55
C TYR E 175 -9.23 -16.86 33.89
N TRP E 176 -10.12 -15.98 34.28
CA TRP E 176 -10.96 -16.14 35.47
C TRP E 176 -12.40 -15.79 35.12
N PHE E 177 -13.33 -16.35 35.87
CA PHE E 177 -14.76 -16.09 35.66
C PHE E 177 -15.45 -16.08 37.02
N LEU E 178 -16.62 -15.45 37.06
CA LEU E 178 -17.45 -15.39 38.28
C LEU E 178 -18.88 -15.65 37.86
N GLN E 179 -19.48 -16.66 38.45
CA GLN E 179 -20.89 -17.00 38.18
C GLN E 179 -21.69 -16.76 39.44
N ARG E 180 -22.38 -15.63 39.50
CA ARG E 180 -23.33 -15.39 40.60
C ARG E 180 -24.46 -16.41 40.49
N PRO E 181 -25.05 -16.80 41.63
CA PRO E 181 -26.18 -17.72 41.64
C PRO E 181 -27.33 -17.25 40.74
N GLY E 182 -27.66 -18.11 39.76
CA GLY E 182 -28.75 -17.91 38.81
C GLY E 182 -28.41 -16.92 37.70
N GLN E 183 -27.12 -16.69 37.45
CA GLN E 183 -26.69 -15.77 36.37
C GLN E 183 -25.66 -16.45 35.50
N SER E 184 -25.49 -15.91 34.29
CA SER E 184 -24.47 -16.36 33.33
C SER E 184 -23.09 -16.01 33.85
N PRO E 185 -22.05 -16.78 33.48
CA PRO E 185 -20.69 -16.46 33.91
C PRO E 185 -20.21 -15.11 33.39
N GLN E 186 -19.36 -14.47 34.18
CA GLN E 186 -18.89 -13.11 33.87
C GLN E 186 -17.37 -13.09 33.98
N LEU E 187 -16.73 -12.57 32.96
CA LEU E 187 -15.25 -12.47 32.94
C LEU E 187 -14.79 -11.48 34.02
N LEU E 188 -13.74 -11.84 34.73
CA LEU E 188 -13.08 -10.92 35.67
C LEU E 188 -11.67 -10.59 35.18
N ILE E 189 -10.92 -11.60 34.80
CA ILE E 189 -9.48 -11.46 34.45
C ILE E 189 -9.21 -12.22 33.18
N TYR E 190 -8.87 -11.51 32.11
CA TYR E 190 -8.72 -12.15 30.78
C TYR E 190 -7.29 -12.65 30.58
N ARG E 191 -6.34 -12.16 31.34
CA ARG E 191 -5.00 -12.80 31.47
C ARG E 191 -4.43 -12.37 32.81
N MET E 192 -3.50 -13.13 33.34
CA MET E 192 -3.00 -12.86 34.71
C MET E 192 -2.46 -11.43 34.77
N SER E 193 -2.76 -10.73 35.87
CA SER E 193 -2.33 -9.32 36.07
C SER E 193 -3.07 -8.42 35.08
N ASN E 194 -4.27 -8.79 34.70
CA ASN E 194 -5.15 -7.93 33.87
C ASN E 194 -6.56 -7.92 34.45
N LEU E 195 -7.29 -6.84 34.19
CA LEU E 195 -8.64 -6.67 34.77
C LEU E 195 -9.63 -6.40 33.66
N ALA E 196 -10.73 -7.12 33.67
CA ALA E 196 -11.75 -7.01 32.61
C ALA E 196 -12.43 -5.65 32.66
N SER E 197 -13.30 -5.42 31.69
CA SER E 197 -14.07 -4.16 31.57
C SER E 197 -15.35 -4.27 32.40
N GLY E 198 -15.60 -3.25 33.20
CA GLY E 198 -16.84 -3.12 33.98
C GLY E 198 -16.77 -3.87 35.29
N VAL E 199 -15.60 -4.35 35.69
CA VAL E 199 -15.44 -5.08 36.97
C VAL E 199 -14.64 -4.18 37.89
N PRO E 200 -15.08 -4.01 39.16
CA PRO E 200 -14.35 -3.17 40.10
C PRO E 200 -12.88 -3.56 40.28
N ASP E 201 -12.13 -2.62 40.83
CA ASP E 201 -10.67 -2.77 41.03
C ASP E 201 -10.37 -3.78 42.14
N ARG E 202 -11.37 -4.23 42.89
CA ARG E 202 -11.14 -5.13 44.04
C ARG E 202 -10.54 -6.44 43.57
N PHE E 203 -11.04 -6.97 42.46
CA PHE E 203 -10.51 -8.24 41.90
C PHE E 203 -9.10 -8.01 41.35
N SER E 204 -8.20 -8.93 41.66
CA SER E 204 -6.82 -8.89 41.12
C SER E 204 -6.26 -10.31 41.13
N GLY E 205 -5.36 -10.59 40.21
CA GLY E 205 -4.76 -11.93 40.05
C GLY E 205 -3.28 -11.88 39.78
N SER E 206 -2.47 -12.58 40.57
CA SER E 206 -1.00 -12.63 40.37
C SER E 206 -0.56 -14.08 40.40
N GLY E 207 0.23 -14.48 39.43
CA GLY E 207 0.72 -15.87 39.34
C GLY E 207 1.66 -16.05 38.19
N SER E 208 2.36 -17.18 38.20
CA SER E 208 3.39 -17.50 37.18
C SER E 208 3.44 -19.00 36.99
N GLY E 209 3.68 -19.41 35.75
CA GLY E 209 3.82 -20.83 35.38
C GLY E 209 2.59 -21.64 35.71
N THR E 210 2.59 -22.43 36.78
CA THR E 210 1.49 -23.37 37.10
C THR E 210 0.78 -22.96 38.38
N ALA E 211 1.19 -21.88 39.03
CA ALA E 211 0.58 -21.44 40.30
C ALA E 211 -0.11 -20.10 40.07
N PHE E 212 -1.37 -20.01 40.45
CA PHE E 212 -2.20 -18.80 40.21
C PHE E 212 -3.06 -18.52 41.42
N THR E 213 -3.32 -17.23 41.66
CA THR E 213 -4.18 -16.78 42.76
C THR E 213 -5.11 -15.68 42.28
N LEU E 214 -6.25 -15.59 42.92
CA LEU E 214 -7.23 -14.50 42.69
C LEU E 214 -7.52 -13.86 44.05
N THR E 215 -7.17 -12.60 44.18
CA THR E 215 -7.25 -11.87 45.47
C THR E 215 -8.38 -10.85 45.38
N ILE E 216 -9.30 -10.92 46.32
CA ILE E 216 -10.37 -9.90 46.48
C ILE E 216 -10.06 -9.14 47.76
N SER E 217 -9.94 -7.83 47.65
CA SER E 217 -9.57 -6.97 48.80
C SER E 217 -10.76 -6.87 49.77
N ARG E 218 -11.90 -6.41 49.28
CA ARG E 218 -13.14 -6.34 50.09
C ARG E 218 -14.30 -6.71 49.17
N LEU E 219 -15.17 -7.59 49.65
CA LEU E 219 -16.27 -8.10 48.82
C LEU E 219 -17.61 -7.60 49.35
N GLU E 220 -18.68 -8.05 48.71
CA GLU E 220 -20.05 -7.66 49.07
C GLU E 220 -20.99 -8.83 48.80
N ALA E 221 -22.28 -8.61 49.02
CA ALA E 221 -23.32 -9.62 48.73
C ALA E 221 -23.47 -9.78 47.21
N GLU E 222 -22.99 -8.83 46.43
CA GLU E 222 -23.18 -8.87 44.96
C GLU E 222 -22.22 -9.87 44.32
N ASP E 223 -21.01 -10.01 44.83
CA ASP E 223 -20.00 -10.85 44.16
C ASP E 223 -19.87 -12.23 44.82
N VAL E 224 -20.80 -12.62 45.66
CA VAL E 224 -20.79 -14.01 46.21
C VAL E 224 -21.26 -14.94 45.11
N GLY E 225 -20.61 -16.08 45.00
CA GLY E 225 -20.94 -17.11 44.00
C GLY E 225 -19.78 -18.02 43.75
N VAL E 226 -19.84 -18.71 42.63
CA VAL E 226 -18.82 -19.73 42.26
C VAL E 226 -17.85 -19.12 41.26
N TYR E 227 -16.59 -19.42 41.41
CA TYR E 227 -15.52 -18.90 40.52
C TYR E 227 -14.93 -20.05 39.73
N TYR E 228 -14.47 -19.72 38.53
CA TYR E 228 -13.91 -20.72 37.59
C TYR E 228 -12.58 -20.23 37.09
N CYS E 229 -11.75 -21.18 36.68
CA CYS E 229 -10.42 -20.92 36.09
C CYS E 229 -10.36 -21.61 34.75
N MET E 230 -9.86 -20.90 33.76
CA MET E 230 -9.73 -21.47 32.40
C MET E 230 -8.35 -21.11 31.86
N GLN E 231 -7.79 -22.03 31.10
CA GLN E 231 -6.56 -21.74 30.34
C GLN E 231 -6.93 -21.58 28.86
N HIS E 232 -6.09 -20.85 28.14
CA HIS E 232 -6.28 -20.69 26.69
C HIS E 232 -4.98 -20.96 25.95
N LEU E 233 -4.02 -21.63 26.57
CA LEU E 233 -2.72 -21.92 25.91
C LEU E 233 -2.95 -22.78 24.68
N GLU E 234 -3.80 -23.78 24.80
CA GLU E 234 -4.11 -24.63 23.64
C GLU E 234 -5.46 -25.26 23.89
N TYR E 235 -6.09 -25.62 22.78
CA TYR E 235 -7.43 -26.24 22.80
C TYR E 235 -7.29 -27.65 23.35
N PRO E 236 -8.34 -28.23 23.98
CA PRO E 236 -9.71 -27.73 24.00
C PRO E 236 -10.16 -26.91 25.24
N LEU E 237 -9.37 -25.91 25.63
CA LEU E 237 -9.74 -24.92 26.67
C LEU E 237 -10.39 -25.62 27.87
N THR E 238 -9.66 -26.51 28.49
CA THR E 238 -10.18 -27.18 29.70
C THR E 238 -10.41 -26.18 30.82
N PHE E 239 -11.51 -26.32 31.49
CA PHE E 239 -11.87 -25.48 32.66
C PHE E 239 -11.40 -26.17 33.93
N GLY E 240 -11.64 -25.49 35.04
CA GLY E 240 -11.46 -26.06 36.38
C GLY E 240 -12.78 -26.35 37.04
N ALA E 241 -12.72 -26.99 38.20
CA ALA E 241 -13.87 -27.17 39.09
C ALA E 241 -14.28 -25.82 39.66
N GLY E 242 -15.46 -25.76 40.23
CA GLY E 242 -15.96 -24.53 40.85
C GLY E 242 -15.24 -24.20 42.16
N THR E 243 -15.33 -22.95 42.56
CA THR E 243 -14.87 -22.48 43.87
C THR E 243 -15.93 -21.53 44.42
N LYS E 244 -16.88 -22.07 45.14
CA LYS E 244 -18.03 -21.26 45.63
C LYS E 244 -17.65 -20.53 46.90
N LEU E 245 -17.91 -19.24 46.95
CA LEU E 245 -17.75 -18.44 48.19
C LEU E 245 -19.01 -18.59 49.02
N GLU E 246 -18.86 -19.03 50.26
CA GLU E 246 -20.01 -19.32 51.15
C GLU E 246 -20.34 -18.05 51.95
N LEU E 247 -21.60 -17.63 51.91
CA LEU E 247 -22.08 -16.52 52.74
C LEU E 247 -23.60 -16.57 52.88
N1 K6L F . 17.06 -31.51 -40.63
C4 K6L F . 9.33 -30.02 -36.37
C5 K6L F . 9.92 -29.38 -37.62
C6 K6L F . 11.22 -28.66 -37.38
C7 K6L F . 11.82 -28.12 -38.66
C8 K6L F . 11.44 -26.86 -39.12
C10 K6L F . 12.82 -27.08 -41.03
C13 K6L F . 13.22 -30.22 -38.93
C15 K6L F . 14.65 -32.27 -39.34
C17 K6L F . 17.09 -31.48 -39.29
C20 K6L F . 19.01 -32.61 -41.28
C1 K6L F . 11.59 -33.14 -36.23
C2 K6L F . 10.50 -32.19 -36.69
C3 K6L F . 10.19 -31.07 -35.75
C9 K6L F . 11.92 -26.36 -40.30
C11 K6L F . 13.25 -28.32 -40.58
C12 K6L F . 12.74 -28.87 -39.41
C14 K6L F . 13.82 -31.15 -39.96
C16 K6L F . 15.84 -31.82 -38.52
O1 K6L F . 18.12 -31.18 -38.70
C18 K6L F . 18.26 -31.29 -41.40
C19 K6L F . 17.95 -30.92 -42.85
O2 K6L F . 19.07 -30.93 -43.71
O3 K6L F . 19.90 -32.62 -40.15
P1 K6L F . 21.04 -33.73 -40.20
O4 K6L F . 20.34 -34.92 -40.83
O5 K6L F . 22.16 -33.16 -41.07
O6 K6L F . 21.50 -33.99 -38.78
#